data_9OTW
#
_entry.id   9OTW
#
_cell.length_a   60.173
_cell.length_b   60.173
_cell.length_c   582.064
_cell.angle_alpha   90
_cell.angle_beta   90
_cell.angle_gamma   90
#
_symmetry.space_group_name_H-M   'P 41 21 2'
#
loop_
_entity.id
_entity.type
_entity.pdbx_description
1 polymer Nucleoprotein
2 non-polymer 5-(4-{[(2R)-6,6-dimethyl-1,4-dioxan-2-yl]methoxy}phenyl)-2-oxo-6-(trifluoromethyl)-1,2-dihydropyridine-3-carboxamide
3 non-polymer 'MAGNESIUM ION'
4 water water
#
_entity_poly.entity_id   1
_entity_poly.type   'polypeptide(L)'
_entity_poly.pdbx_seq_one_letter_code
;MRSYEQMETDGERQNATEIRASVGKMIGGIGRFYIQMCTELKLSDYEGRLIQNSLTIERMVLSAFDERRNKYLEEHPSAG
KDPKKTGGPIYRRVNGKWMRELILYDKEEIRRIWRQANNGDDATAGLTHMMIWHSNLNDATYQRTRALVRTGMDPRMCSL
MQGSTLPRRSGAAGAAVKGVGTMVMELVRMIKRGINDRNFWRGENGRKTRIAYERMCNILKGKFQTAAQKAMMDQVRESR
NPGNAEFEDLTFLARSALILRGSVAHKSCLPACVYGPAVASGYDFEREGYSLVGIDPFRLLQNSQVYSLIRPNENPAHKS
QLVWMACHSAAFEDLRVLSFIKGTKVLPRGKLSTRGVQIASNENMETMESSTLELRSRYWAIRTRSGGNTNQQRASAGQI
SIQPTFSVQRNLPFDRTTIMAAFNGNTEGRTSDMRTEIIRMMESARPEDVSFQGRGVFELSDEKAASPIVPSFDMSNEGS
YFFGDNAEEYDNHHHHHH
;
_entity_poly.pdbx_strand_id   A,B
#
# COMPACT_ATOMS: atom_id res chain seq x y z
N GLN A 14 0.20 -20.46 -7.85
CA GLN A 14 -0.50 -20.82 -6.61
C GLN A 14 -0.76 -19.57 -5.75
N ASN A 15 0.24 -18.68 -5.69
CA ASN A 15 0.26 -17.39 -5.00
C ASN A 15 0.57 -16.29 -6.03
N ALA A 16 1.52 -16.56 -6.96
CA ALA A 16 1.92 -15.66 -8.05
C ALA A 16 0.76 -15.29 -8.99
N THR A 17 -0.32 -16.09 -8.98
CA THR A 17 -1.54 -15.87 -9.74
C THR A 17 -2.26 -14.64 -9.16
N GLU A 18 -2.28 -14.52 -7.81
CA GLU A 18 -2.91 -13.42 -7.07
C GLU A 18 -2.12 -12.13 -7.20
N ILE A 19 -0.80 -12.22 -7.36
CA ILE A 19 0.05 -11.06 -7.51
C ILE A 19 -0.17 -10.46 -8.91
N ARG A 20 -0.31 -11.31 -9.94
CA ARG A 20 -0.62 -10.90 -11.32
C ARG A 20 -1.99 -10.21 -11.40
N ALA A 21 -3.00 -10.73 -10.67
CA ALA A 21 -4.34 -10.17 -10.65
C ALA A 21 -4.38 -8.84 -9.89
N SER A 22 -3.66 -8.73 -8.79
CA SER A 22 -3.61 -7.47 -8.03
C SER A 22 -2.84 -6.39 -8.83
N VAL A 23 -1.85 -6.80 -9.67
CA VAL A 23 -1.10 -5.89 -10.55
C VAL A 23 -1.96 -5.48 -11.73
N GLY A 24 -2.73 -6.43 -12.27
CA GLY A 24 -3.63 -6.17 -13.38
C GLY A 24 -4.77 -5.25 -12.98
N LYS A 25 -5.21 -5.34 -11.73
CA LYS A 25 -6.26 -4.50 -11.17
C LYS A 25 -5.74 -3.07 -11.07
N MET A 26 -4.47 -2.89 -10.68
CA MET A 26 -3.85 -1.57 -10.65
C MET A 26 -3.79 -0.99 -12.09
N ILE A 27 -3.28 -1.77 -13.06
CA ILE A 27 -3.21 -1.35 -14.46
C ILE A 27 -4.59 -0.98 -14.99
N GLY A 28 -5.59 -1.81 -14.72
CA GLY A 28 -6.99 -1.62 -15.14
C GLY A 28 -7.58 -0.32 -14.66
N GLY A 29 -7.26 0.08 -13.40
CA GLY A 29 -7.73 1.30 -12.79
C GLY A 29 -7.10 2.56 -13.37
N ILE A 30 -5.86 2.44 -13.85
CA ILE A 30 -5.19 3.54 -14.53
C ILE A 30 -5.87 3.78 -15.89
N GLY A 31 -6.22 2.70 -16.58
CA GLY A 31 -6.87 2.80 -17.87
C GLY A 31 -8.29 3.30 -17.76
N ARG A 32 -9.03 2.86 -16.72
CA ARG A 32 -10.41 3.33 -16.50
C ARG A 32 -10.37 4.84 -16.21
N PHE A 33 -9.38 5.27 -15.43
CA PHE A 33 -9.13 6.67 -15.09
C PHE A 33 -8.82 7.51 -16.34
N TYR A 34 -7.91 7.04 -17.19
CA TYR A 34 -7.54 7.77 -18.39
C TYR A 34 -8.72 7.98 -19.30
N ILE A 35 -9.48 6.94 -19.60
CA ILE A 35 -10.70 7.03 -20.43
C ILE A 35 -11.68 8.08 -19.87
N GLN A 36 -11.92 8.04 -18.57
CA GLN A 36 -12.79 9.02 -17.92
C GLN A 36 -12.28 10.47 -18.12
N MET A 37 -10.96 10.71 -17.99
CA MET A 37 -10.40 12.04 -18.22
C MET A 37 -10.50 12.44 -19.69
N CYS A 38 -10.16 11.55 -20.64
CA CYS A 38 -10.30 11.87 -22.08
C CYS A 38 -11.75 12.26 -22.42
N THR A 39 -12.72 11.60 -21.78
CA THR A 39 -14.14 11.84 -21.95
C THR A 39 -14.54 13.20 -21.35
N GLU A 40 -14.07 13.48 -20.11
CA GLU A 40 -14.31 14.74 -19.43
C GLU A 40 -13.74 15.91 -20.23
N LEU A 41 -12.52 15.74 -20.76
CA LEU A 41 -11.85 16.77 -21.56
C LEU A 41 -12.27 16.81 -23.04
N LYS A 42 -13.18 15.92 -23.48
CA LYS A 42 -13.64 15.82 -24.87
C LYS A 42 -12.53 15.51 -25.88
N LEU A 43 -11.42 14.92 -25.42
CA LEU A 43 -10.27 14.58 -26.26
C LEU A 43 -10.60 13.52 -27.29
N SER A 44 -10.24 13.77 -28.55
CA SER A 44 -10.48 12.81 -29.62
C SER A 44 -9.56 11.55 -29.45
N ASP A 45 -9.71 10.52 -30.33
CA ASP A 45 -8.86 9.33 -30.24
C ASP A 45 -7.38 9.71 -30.45
N TYR A 46 -7.08 10.66 -31.34
CA TYR A 46 -5.69 11.07 -31.58
C TYR A 46 -5.15 11.82 -30.37
N GLU A 47 -5.92 12.82 -29.91
CA GLU A 47 -5.58 13.62 -28.75
C GLU A 47 -5.32 12.78 -27.52
N GLY A 48 -6.17 11.80 -27.24
CA GLY A 48 -5.97 10.93 -26.08
C GLY A 48 -4.75 10.04 -26.19
N ARG A 49 -4.34 9.72 -27.41
CA ARG A 49 -3.13 8.92 -27.63
C ARG A 49 -1.85 9.77 -27.68
N LEU A 50 -1.98 11.11 -27.67
CA LEU A 50 -0.86 12.03 -27.68
C LEU A 50 -0.22 11.97 -26.28
N ILE A 51 1.07 11.59 -26.23
CA ILE A 51 1.77 11.36 -24.99
C ILE A 51 1.92 12.61 -24.15
N GLN A 52 1.87 13.81 -24.76
CA GLN A 52 1.92 15.05 -23.99
C GLN A 52 0.63 15.25 -23.21
N ASN A 53 -0.51 14.87 -23.81
CA ASN A 53 -1.82 14.87 -23.12
C ASN A 53 -1.86 13.86 -22.00
N SER A 54 -1.22 12.69 -22.21
CA SER A 54 -1.13 11.65 -21.22
C SER A 54 -0.40 12.13 -19.99
N LEU A 55 0.75 12.83 -20.19
CA LEU A 55 1.61 13.34 -19.14
C LEU A 55 0.94 14.37 -18.29
N THR A 56 0.16 15.27 -18.91
CA THR A 56 -0.59 16.26 -18.15
C THR A 56 -1.69 15.59 -17.31
N ILE A 57 -2.39 14.61 -17.90
CA ILE A 57 -3.45 13.91 -17.18
C ILE A 57 -2.85 13.14 -15.99
N GLU A 58 -1.73 12.44 -16.22
CA GLU A 58 -1.07 11.68 -15.16
C GLU A 58 -0.56 12.59 -14.05
N ARG A 59 -0.07 13.79 -14.42
CA ARG A 59 0.42 14.75 -13.47
C ARG A 59 -0.71 15.36 -12.66
N MET A 60 -1.85 15.61 -13.29
CA MET A 60 -3.04 16.09 -12.57
C MET A 60 -3.50 15.13 -11.45
N VAL A 61 -3.56 13.79 -11.70
CA VAL A 61 -3.98 12.86 -10.63
C VAL A 61 -2.88 12.75 -9.56
N LEU A 62 -1.57 12.75 -9.95
CA LEU A 62 -0.50 12.74 -8.96
C LEU A 62 -0.57 14.01 -8.09
N SER A 63 -0.83 15.13 -8.72
CA SER A 63 -0.98 16.42 -8.06
C SER A 63 -2.15 16.38 -7.07
N ALA A 64 -3.34 15.92 -7.48
CA ALA A 64 -4.54 15.86 -6.63
C ALA A 64 -4.35 15.10 -5.31
N PHE A 65 -3.54 14.04 -5.33
CA PHE A 65 -3.28 13.27 -4.11
C PHE A 65 -2.03 13.70 -3.36
N ASP A 66 -1.13 14.45 -4.03
CA ASP A 66 0.12 14.91 -3.50
C ASP A 66 -0.04 15.85 -2.32
N GLU A 67 -0.99 16.81 -2.41
CA GLU A 67 -1.23 17.81 -1.37
C GLU A 67 0.04 18.59 -1.04
N ARG A 68 0.81 18.92 -2.10
CA ARG A 68 2.09 19.64 -2.03
C ARG A 68 3.07 19.02 -1.02
N ARG A 69 3.23 17.70 -1.06
CA ARG A 69 4.18 17.00 -0.18
C ARG A 69 5.42 16.53 -0.94
N ASN A 70 5.43 16.63 -2.27
CA ASN A 70 6.49 16.16 -3.16
C ASN A 70 6.69 14.66 -2.95
N LYS A 71 5.57 13.93 -2.96
CA LYS A 71 5.52 12.50 -2.72
C LYS A 71 5.24 11.77 -4.03
N TYR A 72 4.30 12.27 -4.83
CA TYR A 72 3.95 11.61 -6.11
C TYR A 72 4.57 12.30 -7.31
N LEU A 73 4.76 13.62 -7.21
CA LEU A 73 5.36 14.44 -8.25
C LEU A 73 6.06 15.67 -7.62
N GLU A 74 6.76 16.45 -8.45
CA GLU A 74 7.40 17.69 -8.04
C GLU A 74 6.74 18.82 -8.84
N GLU A 75 6.34 19.90 -8.14
CA GLU A 75 5.67 21.03 -8.79
C GLU A 75 6.16 22.40 -8.23
N HIS A 76 5.77 23.51 -8.88
CA HIS A 76 6.24 24.85 -8.47
C HIS A 76 5.10 25.71 -7.90
N PRO A 77 5.28 26.27 -6.68
CA PRO A 77 4.20 27.11 -6.10
C PRO A 77 3.94 28.41 -6.88
N GLY A 80 0.65 31.89 -4.75
CA GLY A 80 0.66 31.68 -6.19
C GLY A 80 -0.68 31.23 -6.74
N LYS A 81 -0.76 29.95 -7.15
CA LYS A 81 -1.99 29.39 -7.70
C LYS A 81 -2.90 28.78 -6.62
N ASP A 82 -4.17 28.49 -6.98
CA ASP A 82 -5.18 27.90 -6.09
C ASP A 82 -4.79 26.49 -5.69
N PRO A 83 -4.61 26.24 -4.38
CA PRO A 83 -4.25 24.88 -3.94
C PRO A 83 -5.41 23.88 -4.06
N LYS A 84 -6.65 24.35 -4.20
CA LYS A 84 -7.81 23.48 -4.38
C LYS A 84 -7.99 23.05 -5.87
N LYS A 85 -7.29 23.72 -6.81
CA LYS A 85 -7.31 23.40 -8.24
C LYS A 85 -5.90 22.90 -8.66
N THR A 86 -5.79 22.32 -9.86
CA THR A 86 -4.54 21.79 -10.44
C THR A 86 -4.70 21.73 -11.95
N GLY A 87 -3.58 21.63 -12.67
CA GLY A 87 -3.65 21.53 -14.11
C GLY A 87 -2.38 21.81 -14.86
N GLY A 88 -2.47 21.65 -16.16
CA GLY A 88 -1.35 21.85 -17.06
C GLY A 88 -1.81 21.90 -18.50
N PRO A 89 -0.87 21.64 -19.42
CA PRO A 89 -1.20 21.76 -20.84
C PRO A 89 -1.96 20.59 -21.48
N ILE A 90 -3.05 20.94 -22.17
CA ILE A 90 -3.85 20.01 -22.95
C ILE A 90 -3.74 20.48 -24.40
N TYR A 91 -3.33 19.59 -25.28
CA TYR A 91 -3.09 19.86 -26.68
C TYR A 91 -4.19 19.35 -27.58
N ARG A 92 -4.73 20.24 -28.39
CA ARG A 92 -5.83 19.91 -29.29
C ARG A 92 -5.47 20.17 -30.74
N ARG A 93 -6.10 19.42 -31.66
CA ARG A 93 -5.87 19.56 -33.08
C ARG A 93 -7.00 20.33 -33.72
N VAL A 94 -6.73 21.58 -34.14
CA VAL A 94 -7.74 22.41 -34.77
C VAL A 94 -7.21 22.87 -36.12
N ASN A 95 -7.95 22.59 -37.22
CA ASN A 95 -7.62 22.92 -38.61
C ASN A 95 -6.26 22.37 -39.06
N GLY A 96 -6.03 21.08 -38.81
CA GLY A 96 -4.77 20.41 -39.14
C GLY A 96 -3.56 21.00 -38.43
N LYS A 97 -3.79 21.72 -37.33
CA LYS A 97 -2.71 22.35 -36.58
C LYS A 97 -2.83 22.09 -35.08
N TRP A 98 -1.71 22.12 -34.37
CA TRP A 98 -1.69 21.89 -32.94
C TRP A 98 -1.80 23.15 -32.11
N MET A 99 -2.66 23.13 -31.10
CA MET A 99 -2.87 24.25 -30.18
C MET A 99 -2.76 23.78 -28.73
N ARG A 100 -2.44 24.68 -27.80
CA ARG A 100 -2.25 24.30 -26.40
C ARG A 100 -3.08 25.16 -25.48
N GLU A 101 -3.79 24.53 -24.55
CA GLU A 101 -4.57 25.27 -23.55
C GLU A 101 -4.09 24.86 -22.14
N LEU A 102 -4.20 25.77 -21.17
CA LEU A 102 -3.85 25.43 -19.78
C LEU A 102 -5.18 25.30 -19.07
N ILE A 103 -5.50 24.11 -18.57
CA ILE A 103 -6.77 23.89 -17.91
C ILE A 103 -6.59 23.75 -16.39
N LEU A 104 -7.59 24.20 -15.64
CA LEU A 104 -7.58 24.09 -14.19
C LEU A 104 -8.73 23.20 -13.84
N TYR A 105 -8.43 22.07 -13.20
CA TYR A 105 -9.37 21.05 -12.79
C TYR A 105 -9.35 20.95 -11.26
N ASP A 106 -10.52 20.94 -10.63
CA ASP A 106 -10.70 20.82 -9.18
C ASP A 106 -10.00 19.55 -8.68
N LYS A 107 -9.09 19.67 -7.71
CA LYS A 107 -8.36 18.51 -7.18
C LYS A 107 -9.31 17.44 -6.63
N GLU A 108 -10.38 17.86 -5.94
CA GLU A 108 -11.40 17.02 -5.33
C GLU A 108 -12.12 16.13 -6.36
N GLU A 109 -12.42 16.69 -7.54
CA GLU A 109 -13.08 15.98 -8.61
C GLU A 109 -12.15 14.96 -9.27
N ILE A 110 -10.85 15.27 -9.37
CA ILE A 110 -9.84 14.36 -9.94
C ILE A 110 -9.75 13.13 -9.03
N ARG A 111 -9.71 13.35 -7.71
CA ARG A 111 -9.69 12.30 -6.70
C ARG A 111 -10.94 11.43 -6.80
N ARG A 112 -12.12 12.05 -6.92
CA ARG A 112 -13.35 11.33 -7.15
C ARG A 112 -13.28 10.42 -8.39
N ILE A 113 -12.83 10.96 -9.55
CA ILE A 113 -12.70 10.21 -10.79
C ILE A 113 -11.67 9.08 -10.66
N TRP A 114 -10.62 9.28 -9.89
CA TRP A 114 -9.59 8.28 -9.70
C TRP A 114 -10.17 7.13 -8.90
N ARG A 115 -10.72 7.42 -7.72
CA ARG A 115 -11.32 6.38 -6.89
C ARG A 115 -12.47 5.68 -7.58
N GLN A 116 -13.31 6.41 -8.33
CA GLN A 116 -14.42 5.81 -9.06
C GLN A 116 -13.89 4.80 -10.11
N ALA A 117 -12.80 5.16 -10.80
CA ALA A 117 -12.17 4.28 -11.78
C ALA A 117 -11.52 3.05 -11.09
N ASN A 118 -11.15 3.17 -9.82
CA ASN A 118 -10.53 2.09 -9.06
C ASN A 118 -11.52 1.45 -8.11
N ASN A 119 -12.80 1.39 -8.53
CA ASN A 119 -13.93 0.79 -7.83
C ASN A 119 -13.94 1.09 -6.33
N GLY A 120 -13.82 2.38 -5.98
CA GLY A 120 -13.85 2.89 -4.61
C GLY A 120 -12.54 2.92 -3.85
N ASP A 121 -11.49 2.32 -4.43
CA ASP A 121 -10.18 2.26 -3.76
C ASP A 121 -9.37 3.50 -3.99
N ASP A 122 -8.53 3.84 -2.99
CA ASP A 122 -7.57 4.94 -3.08
C ASP A 122 -6.50 4.60 -4.15
N ALA A 123 -6.22 3.27 -4.35
CA ALA A 123 -5.25 2.71 -5.29
C ALA A 123 -3.98 3.53 -5.39
N THR A 124 -3.25 3.61 -4.28
CA THR A 124 -1.99 4.33 -4.17
C THR A 124 -0.94 3.76 -5.13
N ALA A 125 -0.98 2.44 -5.35
CA ALA A 125 -0.08 1.72 -6.24
C ALA A 125 -0.18 2.24 -7.67
N GLY A 126 -1.40 2.58 -8.10
CA GLY A 126 -1.65 3.15 -9.42
C GLY A 126 -0.92 4.46 -9.60
N LEU A 127 -0.90 5.30 -8.53
CA LEU A 127 -0.20 6.57 -8.52
C LEU A 127 1.30 6.35 -8.59
N THR A 128 1.84 5.45 -7.76
CA THR A 128 3.28 5.20 -7.77
C THR A 128 3.76 4.59 -9.07
N HIS A 129 2.91 3.85 -9.76
CA HIS A 129 3.24 3.27 -11.06
C HIS A 129 3.38 4.40 -12.12
N MET A 130 2.53 5.45 -12.02
CA MET A 130 2.61 6.57 -12.95
C MET A 130 3.82 7.46 -12.65
N MET A 131 4.16 7.60 -11.35
CA MET A 131 5.30 8.30 -10.84
C MET A 131 6.57 7.59 -11.32
N ILE A 132 6.61 6.26 -11.27
CA ILE A 132 7.78 5.53 -11.76
C ILE A 132 7.91 5.68 -13.28
N TRP A 133 6.80 5.75 -14.02
CA TRP A 133 6.86 6.00 -15.48
C TRP A 133 7.48 7.39 -15.73
N HIS A 134 7.11 8.38 -14.92
CA HIS A 134 7.67 9.72 -15.04
C HIS A 134 9.19 9.73 -14.75
N SER A 135 9.62 9.02 -13.70
CA SER A 135 11.03 8.86 -13.35
C SER A 135 11.78 8.19 -14.52
N ASN A 136 11.25 7.10 -15.07
CA ASN A 136 11.90 6.41 -16.18
C ASN A 136 12.08 7.34 -17.42
N LEU A 137 11.07 8.20 -17.69
CA LEU A 137 11.14 9.16 -18.80
C LEU A 137 12.26 10.17 -18.58
N ASN A 138 12.42 10.65 -17.34
CA ASN A 138 13.47 11.60 -17.01
C ASN A 138 14.83 10.94 -17.09
N ASP A 139 14.96 9.69 -16.65
CA ASP A 139 16.22 8.96 -16.77
C ASP A 139 16.61 8.76 -18.26
N ALA A 140 15.64 8.68 -19.17
CA ALA A 140 15.91 8.56 -20.60
C ALA A 140 16.12 9.96 -21.25
N THR A 141 15.75 11.06 -20.58
CA THR A 141 15.81 12.40 -21.17
C THR A 141 16.91 13.31 -20.65
N TYR A 142 17.01 13.48 -19.32
CA TYR A 142 17.91 14.43 -18.73
C TYR A 142 19.18 13.84 -18.20
N GLN A 143 20.21 14.66 -18.25
CA GLN A 143 21.55 14.37 -17.75
C GLN A 143 21.58 14.84 -16.28
N ARG A 144 22.37 14.16 -15.45
CA ARG A 144 22.50 14.56 -14.02
C ARG A 144 23.96 14.85 -13.62
N THR A 145 24.83 15.07 -14.63
CA THR A 145 26.26 15.34 -14.46
C THR A 145 26.53 16.54 -13.53
N ARG A 146 25.88 17.70 -13.76
CA ARG A 146 26.08 18.88 -12.91
C ARG A 146 25.61 18.67 -11.50
N ALA A 147 24.51 17.90 -11.33
CA ALA A 147 23.97 17.58 -10.03
C ALA A 147 24.98 16.77 -9.24
N LEU A 148 25.67 15.83 -9.92
CA LEU A 148 26.70 14.95 -9.35
C LEU A 148 27.94 15.74 -8.95
N VAL A 149 28.42 16.63 -9.85
CA VAL A 149 29.60 17.43 -9.54
C VAL A 149 29.28 18.46 -8.45
N ARG A 150 28.04 18.95 -8.36
CA ARG A 150 27.65 19.85 -7.28
C ARG A 150 27.71 19.14 -5.92
N THR A 151 27.52 17.80 -5.87
CA THR A 151 27.61 17.07 -4.60
C THR A 151 29.01 16.46 -4.33
N GLY A 152 30.01 16.83 -5.13
CA GLY A 152 31.36 16.28 -4.97
C GLY A 152 31.52 14.85 -5.45
N MET A 153 30.55 14.38 -6.25
CA MET A 153 30.62 13.07 -6.85
C MET A 153 31.17 13.18 -8.25
N ASP A 154 31.72 12.07 -8.69
CA ASP A 154 32.31 11.91 -10.01
C ASP A 154 31.18 11.94 -11.04
N PRO A 155 31.24 12.81 -12.04
CA PRO A 155 30.18 12.83 -13.08
C PRO A 155 30.01 11.51 -13.83
N ARG A 156 31.04 10.65 -13.83
CA ARG A 156 31.01 9.34 -14.46
C ARG A 156 30.15 8.32 -13.71
N MET A 157 29.55 8.72 -12.58
CA MET A 157 28.58 7.88 -11.89
C MET A 157 27.24 7.86 -12.65
N CYS A 158 27.08 8.66 -13.75
CA CYS A 158 25.86 8.75 -14.56
C CYS A 158 25.15 7.42 -14.81
N SER A 159 25.91 6.30 -14.96
CA SER A 159 25.27 5.01 -15.24
C SER A 159 24.57 4.34 -14.04
N LEU A 160 24.65 4.93 -12.84
CA LEU A 160 24.03 4.39 -11.64
C LEU A 160 23.00 5.40 -11.07
N MET A 161 22.44 6.28 -11.93
CA MET A 161 21.53 7.29 -11.44
C MET A 161 20.07 6.97 -11.62
N GLN A 162 19.71 5.66 -11.50
CA GLN A 162 18.32 5.24 -11.65
C GLN A 162 17.43 5.96 -10.64
N GLY A 163 16.34 6.53 -11.15
CA GLY A 163 15.35 7.24 -10.37
C GLY A 163 15.87 8.44 -9.59
N SER A 164 16.85 9.16 -10.13
CA SER A 164 17.41 10.34 -9.45
C SER A 164 16.46 11.56 -9.45
N THR A 165 15.43 11.55 -10.32
CA THR A 165 14.43 12.61 -10.39
C THR A 165 13.14 12.27 -9.63
N LEU A 166 13.14 11.17 -8.83
CA LEU A 166 11.97 10.80 -8.03
C LEU A 166 11.67 11.91 -7.02
N PRO A 167 10.38 12.11 -6.69
CA PRO A 167 10.01 13.20 -5.76
C PRO A 167 10.72 13.10 -4.41
N ARG A 168 11.12 14.25 -3.85
CA ARG A 168 11.88 14.36 -2.60
C ARG A 168 11.38 13.46 -1.47
N ARG A 169 10.08 13.51 -1.17
CA ARG A 169 9.54 12.69 -0.09
C ARG A 169 8.76 11.47 -0.59
N SER A 170 9.20 10.87 -1.72
CA SER A 170 8.57 9.64 -2.21
C SER A 170 8.97 8.49 -1.24
N GLY A 171 8.07 7.58 -0.97
CA GLY A 171 8.32 6.51 -0.01
C GLY A 171 9.10 5.31 -0.51
N ALA A 172 8.74 4.13 0.01
CA ALA A 172 9.31 2.83 -0.36
C ALA A 172 8.97 2.42 -1.80
N ALA A 173 8.03 3.14 -2.43
CA ALA A 173 7.59 2.89 -3.78
C ALA A 173 8.74 3.19 -4.74
N GLY A 174 9.41 4.32 -4.55
CA GLY A 174 10.55 4.74 -5.35
C GLY A 174 11.86 4.12 -4.91
N ALA A 175 11.96 3.69 -3.64
CA ALA A 175 13.19 3.09 -3.12
C ALA A 175 13.71 1.94 -4.00
N ALA A 176 12.81 1.09 -4.45
CA ALA A 176 13.13 -0.08 -5.27
C ALA A 176 13.77 0.26 -6.61
N VAL A 177 13.29 1.33 -7.26
CA VAL A 177 13.81 1.71 -8.56
C VAL A 177 15.02 2.66 -8.48
N LYS A 178 15.45 3.09 -7.28
CA LYS A 178 16.62 3.99 -7.16
C LYS A 178 17.93 3.23 -7.33
N GLY A 179 18.90 3.88 -7.98
CA GLY A 179 20.21 3.30 -8.21
C GLY A 179 21.16 3.51 -7.04
N VAL A 180 22.34 2.88 -7.12
CA VAL A 180 23.36 3.06 -6.09
C VAL A 180 23.85 4.53 -6.10
N GLY A 181 23.98 5.11 -7.28
CA GLY A 181 24.42 6.49 -7.45
C GLY A 181 23.44 7.50 -6.91
N THR A 182 22.14 7.20 -7.02
CA THR A 182 21.07 8.04 -6.50
C THR A 182 21.05 7.97 -4.99
N MET A 183 21.24 6.77 -4.42
CA MET A 183 21.27 6.58 -2.98
C MET A 183 22.48 7.27 -2.38
N VAL A 184 23.65 7.13 -3.04
CA VAL A 184 24.86 7.80 -2.61
C VAL A 184 24.68 9.32 -2.73
N MET A 185 24.08 9.81 -3.84
CA MET A 185 23.87 11.26 -3.98
C MET A 185 23.07 11.86 -2.84
N GLU A 186 21.94 11.23 -2.50
CA GLU A 186 21.02 11.67 -1.44
C GLU A 186 21.62 11.55 -0.06
N LEU A 187 22.45 10.53 0.16
CA LEU A 187 23.12 10.32 1.46
C LEU A 187 24.27 11.30 1.64
N VAL A 188 25.02 11.54 0.56
CA VAL A 188 26.13 12.49 0.56
C VAL A 188 25.59 13.90 0.74
N ARG A 189 24.44 14.22 0.15
CA ARG A 189 23.84 15.55 0.32
C ARG A 189 23.52 15.84 1.79
N MET A 190 23.17 14.81 2.56
CA MET A 190 22.84 14.93 3.97
C MET A 190 24.09 15.08 4.79
N ILE A 191 25.10 14.23 4.50
CA ILE A 191 26.38 14.26 5.20
C ILE A 191 27.05 15.60 5.03
N LYS A 192 27.02 16.15 3.80
CA LYS A 192 27.61 17.45 3.51
C LYS A 192 26.93 18.57 4.29
N ARG A 193 25.58 18.60 4.37
CA ARG A 193 24.83 19.61 5.10
C ARG A 193 25.21 19.68 6.57
N GLY A 194 25.46 18.51 7.17
CA GLY A 194 25.87 18.36 8.57
C GLY A 194 27.33 18.66 8.83
N ILE A 195 28.15 18.59 7.78
CA ILE A 195 29.56 18.94 7.89
C ILE A 195 29.64 20.49 7.91
N ASN A 196 28.94 21.16 7.00
CA ASN A 196 28.89 22.61 6.94
C ASN A 196 28.18 23.16 8.18
N ASP A 197 27.07 22.51 8.59
CA ASP A 197 26.23 22.90 9.73
C ASP A 197 25.96 21.71 10.66
N ARG A 198 26.65 21.64 11.82
CA ARG A 198 26.44 20.57 12.79
C ARG A 198 25.01 20.57 13.39
N ASN A 199 24.27 21.70 13.30
CA ASN A 199 22.89 21.85 13.82
C ASN A 199 21.81 21.11 13.01
N PHE A 200 22.20 20.59 11.84
CA PHE A 200 21.36 19.78 10.98
C PHE A 200 21.03 18.41 11.65
N TRP A 201 21.83 17.98 12.64
CA TRP A 201 21.63 16.74 13.37
C TRP A 201 21.08 16.95 14.79
N ARG A 202 21.03 18.20 15.28
CA ARG A 202 20.49 18.53 16.60
C ARG A 202 19.00 18.93 16.51
N GLY A 203 18.33 18.98 17.67
CA GLY A 203 16.92 19.34 17.77
C GLY A 203 15.97 18.37 17.12
N GLU A 204 14.71 18.80 16.92
CA GLU A 204 13.64 17.99 16.34
C GLU A 204 13.84 17.74 14.85
N ASN A 205 14.42 18.72 14.15
CA ASN A 205 14.73 18.53 12.74
C ASN A 205 15.85 17.49 12.57
N GLY A 206 16.79 17.46 13.52
CA GLY A 206 17.85 16.48 13.54
C GLY A 206 17.30 15.08 13.73
N ARG A 207 16.34 14.92 14.65
CA ARG A 207 15.70 13.62 14.89
C ARG A 207 14.98 13.13 13.63
N LYS A 208 14.32 14.05 12.91
CA LYS A 208 13.62 13.75 11.66
C LYS A 208 14.63 13.29 10.61
N THR A 209 15.77 13.99 10.53
CA THR A 209 16.81 13.69 9.57
C THR A 209 17.59 12.38 9.87
N ARG A 210 17.88 12.06 11.14
CA ARG A 210 18.60 10.85 11.53
C ARG A 210 17.81 9.58 11.18
N ILE A 211 16.48 9.65 11.32
CA ILE A 211 15.58 8.56 10.96
C ILE A 211 15.62 8.36 9.43
N ALA A 212 15.64 9.47 8.66
CA ALA A 212 15.72 9.44 7.19
C ALA A 212 17.09 8.95 6.70
N TYR A 213 18.14 9.28 7.45
CA TYR A 213 19.49 8.86 7.18
C TYR A 213 19.61 7.34 7.27
N GLU A 214 19.17 6.76 8.40
CA GLU A 214 19.23 5.32 8.65
C GLU A 214 18.37 4.50 7.70
N ARG A 215 17.22 5.07 7.28
CA ARG A 215 16.36 4.37 6.36
C ARG A 215 17.01 4.34 4.97
N MET A 216 17.60 5.46 4.52
CA MET A 216 18.30 5.49 3.22
C MET A 216 19.53 4.61 3.25
N CYS A 217 20.22 4.51 4.38
CA CYS A 217 21.39 3.65 4.50
C CYS A 217 20.99 2.19 4.33
N ASN A 218 19.87 1.79 4.94
CA ASN A 218 19.38 0.41 4.83
C ASN A 218 18.82 0.15 3.43
N ILE A 219 18.19 1.15 2.81
CA ILE A 219 17.70 1.02 1.44
C ILE A 219 18.88 0.80 0.48
N LEU A 220 19.99 1.56 0.64
CA LEU A 220 21.19 1.37 -0.18
C LEU A 220 21.86 0.04 0.13
N LYS A 221 22.04 -0.30 1.43
CA LYS A 221 22.63 -1.56 1.88
C LYS A 221 21.93 -2.77 1.23
N GLY A 222 20.61 -2.68 1.12
CA GLY A 222 19.77 -3.72 0.53
C GLY A 222 20.09 -3.99 -0.93
N LYS A 223 20.57 -2.95 -1.65
CA LYS A 223 20.96 -3.03 -3.06
C LYS A 223 22.35 -3.65 -3.25
N PHE A 224 23.19 -3.66 -2.22
CA PHE A 224 24.51 -4.27 -2.32
C PHE A 224 24.40 -5.78 -2.29
N GLN A 225 25.09 -6.47 -3.21
CA GLN A 225 24.97 -7.92 -3.32
C GLN A 225 26.12 -8.71 -2.73
N THR A 226 27.02 -8.06 -2.00
CA THR A 226 28.13 -8.77 -1.36
C THR A 226 28.13 -8.53 0.14
N ALA A 227 28.78 -9.41 0.88
CA ALA A 227 28.87 -9.28 2.32
C ALA A 227 29.66 -8.05 2.70
N ALA A 228 30.77 -7.79 1.98
CA ALA A 228 31.66 -6.67 2.28
C ALA A 228 31.05 -5.29 2.00
N GLN A 229 30.30 -5.17 0.90
CA GLN A 229 29.63 -3.93 0.53
C GLN A 229 28.55 -3.59 1.59
N LYS A 230 27.80 -4.60 2.01
CA LYS A 230 26.76 -4.47 3.02
C LYS A 230 27.37 -4.13 4.39
N ALA A 231 28.47 -4.81 4.77
CA ALA A 231 29.17 -4.59 6.05
C ALA A 231 29.73 -3.16 6.13
N MET A 232 30.10 -2.58 4.98
CA MET A 232 30.59 -1.22 4.90
C MET A 232 29.42 -0.24 5.14
N MET A 233 28.25 -0.53 4.57
CA MET A 233 27.05 0.26 4.82
C MET A 233 26.61 0.21 6.29
N ASP A 234 26.97 -0.87 7.03
CA ASP A 234 26.66 -0.96 8.46
C ASP A 234 27.44 0.10 9.21
N GLN A 235 28.74 0.26 8.86
CA GLN A 235 29.63 1.26 9.44
C GLN A 235 29.08 2.68 9.12
N VAL A 236 28.62 2.90 7.89
CA VAL A 236 28.05 4.21 7.52
C VAL A 236 26.79 4.54 8.33
N ARG A 237 25.83 3.60 8.41
CA ARG A 237 24.58 3.81 9.14
C ARG A 237 24.79 4.01 10.63
N GLU A 238 25.73 3.26 11.24
CA GLU A 238 25.95 3.35 12.67
C GLU A 238 27.02 4.36 13.07
N SER A 239 27.27 5.39 12.24
CA SER A 239 28.27 6.40 12.61
C SER A 239 27.60 7.54 13.39
N ARG A 240 28.07 7.80 14.64
CA ARG A 240 27.51 8.82 15.52
C ARG A 240 27.36 10.20 14.84
N ASN A 241 28.44 10.71 14.22
CA ASN A 241 28.41 12.01 13.55
C ASN A 241 29.00 11.90 12.14
N PRO A 242 28.16 11.56 11.14
CA PRO A 242 28.67 11.37 9.77
C PRO A 242 29.46 12.56 9.20
N GLY A 243 30.58 12.25 8.56
CA GLY A 243 31.43 13.28 8.01
C GLY A 243 32.21 12.86 6.79
N ASN A 244 33.46 13.32 6.69
CA ASN A 244 34.31 13.01 5.56
C ASN A 244 34.55 11.51 5.44
N ALA A 245 34.69 10.80 6.56
CA ALA A 245 34.90 9.36 6.56
C ALA A 245 33.76 8.63 5.87
N GLU A 246 32.52 9.04 6.16
CA GLU A 246 31.34 8.43 5.56
C GLU A 246 31.15 8.85 4.11
N PHE A 247 31.62 10.06 3.73
CA PHE A 247 31.54 10.54 2.35
C PHE A 247 32.42 9.68 1.46
N GLU A 248 33.63 9.38 1.94
CA GLU A 248 34.62 8.62 1.20
C GLU A 248 34.19 7.18 1.06
N ASP A 249 33.60 6.59 2.13
CA ASP A 249 33.11 5.21 2.11
C ASP A 249 31.95 5.06 1.12
N LEU A 250 31.07 6.06 1.08
CA LEU A 250 29.96 6.12 0.17
C LEU A 250 30.40 6.23 -1.31
N THR A 251 31.37 7.09 -1.61
CA THR A 251 31.88 7.23 -2.98
C THR A 251 32.72 6.01 -3.39
N PHE A 252 33.41 5.37 -2.43
CA PHE A 252 34.16 4.14 -2.68
C PHE A 252 33.19 3.03 -3.10
N LEU A 253 32.05 2.94 -2.39
CA LEU A 253 30.98 1.97 -2.62
C LEU A 253 30.27 2.23 -3.95
N ALA A 254 30.13 3.49 -4.35
CA ALA A 254 29.57 3.84 -5.65
C ALA A 254 30.55 3.42 -6.75
N ARG A 255 31.89 3.57 -6.51
CA ARG A 255 32.92 3.16 -7.47
C ARG A 255 32.84 1.64 -7.65
N SER A 256 32.68 0.90 -6.53
CA SER A 256 32.57 -0.56 -6.59
C SER A 256 31.32 -1.00 -7.31
N ALA A 257 30.18 -0.31 -7.11
CA ALA A 257 28.94 -0.69 -7.81
C ALA A 257 28.99 -0.57 -9.35
N LEU A 258 30.13 -0.15 -9.89
CA LEU A 258 30.36 -0.07 -11.32
C LEU A 258 30.91 -1.42 -11.84
N ILE A 259 31.53 -2.24 -10.96
CA ILE A 259 32.09 -3.54 -11.29
C ILE A 259 31.24 -4.62 -10.62
N LEU A 260 31.01 -4.47 -9.30
CA LEU A 260 30.22 -5.37 -8.50
C LEU A 260 28.82 -4.80 -8.46
N ARG A 261 28.03 -5.14 -9.46
CA ARG A 261 26.67 -4.67 -9.64
C ARG A 261 25.71 -4.90 -8.49
N GLY A 262 25.00 -3.85 -8.14
CA GLY A 262 23.95 -3.92 -7.15
C GLY A 262 22.65 -4.46 -7.73
N SER A 263 21.62 -4.58 -6.89
CA SER A 263 20.32 -5.07 -7.29
C SER A 263 19.35 -3.91 -7.35
N VAL A 264 19.23 -3.32 -8.53
CA VAL A 264 18.35 -2.18 -8.74
C VAL A 264 17.21 -2.62 -9.64
N ALA A 265 15.96 -2.41 -9.19
CA ALA A 265 14.81 -2.80 -9.96
C ALA A 265 14.51 -1.80 -11.04
N HIS A 266 14.31 -2.28 -12.27
CA HIS A 266 13.94 -1.47 -13.42
C HIS A 266 12.49 -1.92 -13.77
N LYS A 267 11.47 -1.12 -13.45
CA LYS A 267 10.09 -1.49 -13.74
C LYS A 267 9.60 -0.89 -15.06
N SER A 268 9.12 -1.73 -16.00
CA SER A 268 8.61 -1.21 -17.27
C SER A 268 7.17 -0.73 -17.13
N CYS A 269 7.01 0.53 -16.71
CA CYS A 269 5.74 1.21 -16.47
C CYS A 269 5.42 2.02 -17.71
N LEU A 270 4.22 1.86 -18.27
CA LEU A 270 3.86 2.56 -19.52
C LEU A 270 2.94 3.76 -19.25
N PRO A 271 2.80 4.70 -20.22
CA PRO A 271 1.88 5.82 -19.99
C PRO A 271 0.43 5.37 -19.90
N ALA A 272 -0.39 6.20 -19.23
CA ALA A 272 -1.82 5.98 -19.12
C ALA A 272 -2.47 5.98 -20.50
N CYS A 273 -1.87 6.59 -21.54
CA CYS A 273 -2.45 6.52 -22.89
C CYS A 273 -2.22 5.17 -23.58
N VAL A 274 -1.59 4.21 -22.87
CA VAL A 274 -1.37 2.86 -23.37
C VAL A 274 -2.37 1.94 -22.67
N TYR A 275 -2.45 2.03 -21.33
CA TYR A 275 -3.40 1.25 -20.53
C TYR A 275 -4.82 1.61 -20.87
N GLY A 276 -5.09 2.88 -21.13
CA GLY A 276 -6.43 3.36 -21.48
C GLY A 276 -7.09 2.65 -22.65
N PRO A 277 -6.54 2.77 -23.87
CA PRO A 277 -7.12 2.06 -25.03
C PRO A 277 -7.24 0.55 -24.82
N ALA A 278 -6.31 -0.05 -24.07
CA ALA A 278 -6.40 -1.47 -23.77
C ALA A 278 -7.67 -1.77 -22.93
N VAL A 279 -7.99 -0.96 -21.91
CA VAL A 279 -9.21 -1.12 -21.12
C VAL A 279 -10.45 -0.78 -21.98
N ALA A 280 -10.34 0.27 -22.80
CA ALA A 280 -11.40 0.75 -23.69
C ALA A 280 -11.85 -0.32 -24.65
N SER A 281 -10.91 -1.11 -25.17
CA SER A 281 -11.27 -2.19 -26.09
C SER A 281 -11.64 -3.50 -25.43
N GLY A 282 -11.84 -3.48 -24.11
CA GLY A 282 -12.29 -4.66 -23.38
C GLY A 282 -11.25 -5.54 -22.72
N TYR A 283 -9.98 -5.09 -22.56
CA TYR A 283 -9.01 -5.97 -21.90
C TYR A 283 -9.35 -6.01 -20.40
N ASP A 284 -9.37 -7.22 -19.83
CA ASP A 284 -9.64 -7.36 -18.41
C ASP A 284 -8.33 -7.67 -17.76
N PHE A 285 -7.62 -6.63 -17.32
CA PHE A 285 -6.30 -6.80 -16.72
C PHE A 285 -6.37 -7.59 -15.43
N GLU A 286 -7.43 -7.39 -14.63
CA GLU A 286 -7.58 -8.15 -13.39
C GLU A 286 -7.73 -9.64 -13.65
N ARG A 287 -8.55 -10.03 -14.64
CA ARG A 287 -8.80 -11.43 -14.99
C ARG A 287 -7.62 -12.08 -15.69
N GLU A 288 -7.07 -11.40 -16.68
CA GLU A 288 -5.94 -11.93 -17.44
C GLU A 288 -4.64 -11.95 -16.66
N GLY A 289 -4.50 -11.00 -15.73
CA GLY A 289 -3.29 -10.85 -14.95
C GLY A 289 -2.29 -9.97 -15.69
N TYR A 290 -1.35 -9.39 -14.92
CA TYR A 290 -0.31 -8.55 -15.47
C TYR A 290 0.97 -8.66 -14.65
N SER A 291 2.08 -8.84 -15.34
CA SER A 291 3.39 -8.91 -14.76
C SER A 291 4.24 -7.85 -15.46
N LEU A 292 4.94 -7.02 -14.69
CA LEU A 292 5.81 -6.00 -15.26
C LEU A 292 7.04 -6.63 -15.94
N VAL A 293 7.44 -7.84 -15.50
CA VAL A 293 8.54 -8.65 -15.98
C VAL A 293 8.02 -9.60 -17.04
N GLY A 294 8.67 -9.61 -18.19
CA GLY A 294 8.30 -10.50 -19.28
C GLY A 294 7.55 -9.87 -20.43
N ILE A 295 6.83 -10.69 -21.16
CA ILE A 295 6.10 -10.32 -22.35
C ILE A 295 4.95 -9.31 -22.16
N ASP A 296 4.32 -9.19 -20.97
CA ASP A 296 3.16 -8.30 -20.82
C ASP A 296 3.43 -6.85 -21.33
N PRO A 297 4.45 -6.08 -20.86
CA PRO A 297 4.71 -4.75 -21.44
C PRO A 297 5.01 -4.73 -22.95
N PHE A 298 5.74 -5.74 -23.44
CA PHE A 298 6.11 -5.87 -24.86
C PHE A 298 4.88 -6.12 -25.72
N ARG A 299 4.10 -7.15 -25.41
CA ARG A 299 2.89 -7.49 -26.12
C ARG A 299 1.88 -6.34 -26.09
N LEU A 300 1.75 -5.65 -24.97
CA LEU A 300 0.85 -4.52 -24.86
C LEU A 300 1.33 -3.38 -25.78
N LEU A 301 2.66 -3.10 -25.86
CA LEU A 301 3.21 -2.08 -26.74
C LEU A 301 3.11 -2.44 -28.25
N GLN A 302 2.93 -3.74 -28.56
CA GLN A 302 2.71 -4.16 -29.97
C GLN A 302 1.26 -3.87 -30.34
N ASN A 303 0.34 -3.96 -29.39
CA ASN A 303 -1.07 -3.73 -29.64
C ASN A 303 -1.53 -2.33 -29.22
N SER A 304 -0.61 -1.35 -29.27
CA SER A 304 -0.82 0.04 -28.88
C SER A 304 -0.35 0.99 -29.96
N GLN A 305 -0.90 2.22 -29.97
CA GLN A 305 -0.50 3.26 -30.93
C GLN A 305 -0.45 4.57 -30.18
N VAL A 306 0.74 5.18 -30.13
CA VAL A 306 0.95 6.40 -29.36
C VAL A 306 1.50 7.49 -30.27
N TYR A 307 1.05 8.72 -30.06
CA TYR A 307 1.52 9.85 -30.82
C TYR A 307 2.31 10.82 -29.93
N SER A 308 3.20 11.59 -30.57
CA SER A 308 3.99 12.56 -29.84
C SER A 308 4.10 13.80 -30.63
N LEU A 309 4.11 14.93 -29.96
CA LEU A 309 4.38 16.21 -30.59
C LEU A 309 5.88 16.22 -30.94
N ILE A 310 6.20 16.62 -32.15
CA ILE A 310 7.59 16.65 -32.61
C ILE A 310 8.02 18.09 -32.99
N ARG A 311 9.23 18.50 -32.56
CA ARG A 311 9.77 19.84 -32.85
C ARG A 311 10.34 19.84 -34.26
N PRO A 312 10.35 21.02 -34.92
CA PRO A 312 10.78 21.08 -36.35
C PRO A 312 12.15 20.48 -36.70
N ASN A 313 13.03 20.46 -35.72
CA ASN A 313 14.38 19.95 -35.90
C ASN A 313 14.58 18.52 -35.38
N GLU A 314 13.50 17.83 -34.92
CA GLU A 314 13.69 16.51 -34.33
C GLU A 314 13.50 15.37 -35.29
N ASN A 315 14.26 14.30 -35.07
CA ASN A 315 14.15 13.07 -35.83
C ASN A 315 13.06 12.20 -35.15
N PRO A 316 12.02 11.81 -35.90
CA PRO A 316 10.95 11.03 -35.31
C PRO A 316 11.44 9.69 -34.77
N ALA A 317 12.42 9.06 -35.44
CA ALA A 317 12.98 7.78 -35.00
C ALA A 317 13.70 7.91 -33.65
N HIS A 318 14.28 9.08 -33.39
CA HIS A 318 15.01 9.38 -32.17
C HIS A 318 14.06 9.72 -31.03
N LYS A 319 12.96 10.45 -31.32
CA LYS A 319 11.92 10.68 -30.31
C LYS A 319 11.27 9.31 -30.01
N SER A 320 11.10 8.44 -31.02
CA SER A 320 10.55 7.10 -30.81
C SER A 320 11.44 6.27 -29.90
N GLN A 321 12.77 6.37 -30.06
CA GLN A 321 13.70 5.59 -29.25
C GLN A 321 13.68 6.08 -27.81
N LEU A 322 13.56 7.39 -27.58
CA LEU A 322 13.54 7.94 -26.24
C LEU A 322 12.32 7.41 -25.47
N VAL A 323 11.14 7.42 -26.13
CA VAL A 323 9.93 6.92 -25.49
C VAL A 323 9.95 5.39 -25.35
N TRP A 324 10.54 4.69 -26.35
CA TRP A 324 10.70 3.24 -26.27
C TRP A 324 11.56 2.85 -25.06
N MET A 325 12.66 3.57 -24.84
CA MET A 325 13.60 3.31 -23.75
C MET A 325 13.03 3.66 -22.38
N ALA A 326 12.16 4.68 -22.32
CA ALA A 326 11.52 5.14 -21.10
C ALA A 326 10.43 4.15 -20.67
N CYS A 327 9.66 3.63 -21.65
CA CYS A 327 8.63 2.62 -21.40
C CYS A 327 9.29 1.35 -20.88
N HIS A 328 10.45 0.99 -21.44
CA HIS A 328 11.14 -0.23 -21.07
C HIS A 328 12.09 -0.09 -19.90
N SER A 329 12.07 1.02 -19.14
CA SER A 329 13.03 1.33 -18.04
C SER A 329 14.48 0.88 -18.39
N ALA A 330 14.95 1.31 -19.56
CA ALA A 330 16.19 0.82 -20.16
C ALA A 330 17.27 1.83 -20.39
N ALA A 331 17.14 3.07 -19.90
CA ALA A 331 18.19 4.08 -20.12
C ALA A 331 19.56 3.63 -19.58
N PHE A 332 19.55 2.75 -18.55
CA PHE A 332 20.74 2.25 -17.87
C PHE A 332 21.15 0.85 -18.30
N GLU A 333 20.62 0.35 -19.42
CA GLU A 333 20.97 -0.96 -19.92
C GLU A 333 22.03 -0.86 -21.02
N ASP A 334 22.66 -1.98 -21.36
CA ASP A 334 23.68 -2.03 -22.39
C ASP A 334 23.01 -1.84 -23.75
N LEU A 335 23.38 -0.80 -24.51
CA LEU A 335 22.79 -0.54 -25.83
C LEU A 335 22.98 -1.66 -26.82
N ARG A 336 24.07 -2.43 -26.69
CA ARG A 336 24.30 -3.57 -27.57
C ARG A 336 23.26 -4.67 -27.33
N VAL A 337 22.77 -4.79 -26.10
CA VAL A 337 21.73 -5.74 -25.74
C VAL A 337 20.39 -5.19 -26.25
N LEU A 338 20.08 -3.91 -25.91
CA LEU A 338 18.85 -3.24 -26.32
C LEU A 338 18.65 -3.30 -27.81
N SER A 339 19.72 -3.11 -28.59
CA SER A 339 19.69 -3.15 -30.05
C SER A 339 19.23 -4.48 -30.63
N PHE A 340 19.70 -5.58 -30.04
CA PHE A 340 19.35 -6.92 -30.50
C PHE A 340 17.89 -7.24 -30.21
N ILE A 341 17.41 -6.88 -29.00
CA ILE A 341 16.05 -7.09 -28.55
C ILE A 341 15.11 -6.24 -29.40
N LYS A 342 15.45 -4.96 -29.61
CA LYS A 342 14.59 -4.08 -30.40
C LYS A 342 14.61 -4.41 -31.91
N GLY A 343 15.70 -5.01 -32.39
CA GLY A 343 15.83 -5.35 -33.80
C GLY A 343 16.25 -4.17 -34.68
N THR A 344 16.81 -3.13 -34.04
CA THR A 344 17.29 -1.87 -34.63
C THR A 344 18.33 -1.25 -33.68
N LYS A 345 19.34 -0.58 -34.22
CA LYS A 345 20.39 0.01 -33.40
C LYS A 345 19.89 1.09 -32.45
N VAL A 346 20.14 0.88 -31.17
CA VAL A 346 19.81 1.85 -30.14
C VAL A 346 21.04 2.72 -29.94
N LEU A 347 20.90 4.01 -30.24
CA LEU A 347 21.97 4.98 -30.17
C LEU A 347 22.14 5.60 -28.78
N PRO A 348 23.37 5.99 -28.41
CA PRO A 348 23.56 6.75 -27.15
C PRO A 348 22.85 8.11 -27.27
N ARG A 349 22.46 8.69 -26.14
CA ARG A 349 21.70 9.93 -26.11
C ARG A 349 22.34 11.07 -26.90
N GLY A 350 23.66 11.16 -26.83
CA GLY A 350 24.46 12.14 -27.55
C GLY A 350 24.31 12.09 -29.05
N LYS A 351 23.91 10.92 -29.59
CA LYS A 351 23.72 10.72 -31.02
C LYS A 351 22.28 10.89 -31.49
N LEU A 352 21.36 11.26 -30.59
CA LEU A 352 19.94 11.43 -30.92
C LEU A 352 19.64 12.88 -31.19
N SER A 353 18.93 13.13 -32.25
CA SER A 353 18.51 14.46 -32.63
C SER A 353 17.08 14.66 -32.14
N THR A 354 16.95 14.82 -30.80
CA THR A 354 15.69 15.11 -30.10
C THR A 354 15.89 15.66 -28.67
N ARG A 355 14.91 16.46 -28.24
CA ARG A 355 14.78 16.95 -26.87
C ARG A 355 13.64 16.14 -26.20
N GLY A 356 13.33 16.47 -24.96
CA GLY A 356 12.31 15.82 -24.16
C GLY A 356 10.92 15.81 -24.77
N VAL A 357 10.07 14.98 -24.20
CA VAL A 357 8.69 14.80 -24.64
C VAL A 357 7.84 16.01 -24.27
N GLN A 358 8.05 16.56 -23.08
CA GLN A 358 7.27 17.68 -22.58
C GLN A 358 7.50 18.98 -23.33
N ILE A 359 6.40 19.72 -23.57
CA ILE A 359 6.48 20.99 -24.28
C ILE A 359 6.34 22.15 -23.27
N ALA A 360 7.38 23.02 -23.17
CA ALA A 360 7.40 24.19 -22.29
C ALA A 360 6.44 25.29 -22.81
N SER A 361 5.92 26.14 -21.91
CA SER A 361 4.95 27.17 -22.26
C SER A 361 5.51 28.28 -23.20
N ASN A 362 6.83 28.50 -23.16
CA ASN A 362 7.43 29.51 -24.04
C ASN A 362 7.63 29.01 -25.49
N GLU A 363 7.08 27.82 -25.83
CA GLU A 363 7.23 27.25 -27.16
C GLU A 363 6.11 27.66 -28.10
N ASN A 364 6.43 27.86 -29.38
CA ASN A 364 5.42 28.24 -30.36
C ASN A 364 4.76 26.98 -30.86
N MET A 365 3.44 26.91 -30.65
CA MET A 365 2.62 25.80 -31.05
C MET A 365 2.40 25.75 -32.54
N GLU A 366 2.48 26.91 -33.24
CA GLU A 366 2.30 26.96 -34.69
C GLU A 366 3.41 26.18 -35.44
N THR A 367 4.55 25.98 -34.80
CA THR A 367 5.67 25.24 -35.38
C THR A 367 5.59 23.73 -35.11
N MET A 368 4.78 23.32 -34.12
CA MET A 368 4.62 21.95 -33.71
C MET A 368 3.92 21.05 -34.71
N GLU A 369 4.40 19.82 -34.76
CA GLU A 369 3.84 18.75 -35.58
C GLU A 369 3.58 17.51 -34.67
N SER A 370 2.99 16.43 -35.20
CA SER A 370 2.82 15.20 -34.42
C SER A 370 3.44 14.02 -35.16
N SER A 371 3.81 12.99 -34.40
CA SER A 371 4.49 11.83 -34.96
C SER A 371 3.96 10.52 -34.37
N THR A 372 3.90 9.44 -35.16
CA THR A 372 3.50 8.15 -34.62
C THR A 372 4.76 7.55 -34.00
N LEU A 373 4.79 7.39 -32.68
CA LEU A 373 5.96 6.84 -32.01
C LEU A 373 6.10 5.37 -32.40
N GLU A 374 7.29 4.92 -32.79
CA GLU A 374 7.49 3.50 -33.16
C GLU A 374 8.00 2.80 -31.90
N LEU A 375 7.07 2.30 -31.03
CA LEU A 375 7.32 1.66 -29.72
C LEU A 375 7.40 0.13 -29.74
N ARG A 376 7.45 -0.47 -30.92
CA ARG A 376 7.50 -1.92 -31.04
C ARG A 376 8.90 -2.50 -30.82
N SER A 377 8.96 -3.81 -30.65
CA SER A 377 10.23 -4.51 -30.50
C SER A 377 10.20 -5.78 -31.37
N ARG A 378 11.35 -6.21 -31.84
CA ARG A 378 11.47 -7.43 -32.65
C ARG A 378 11.36 -8.65 -31.74
N TYR A 379 12.06 -8.61 -30.61
CA TYR A 379 12.06 -9.67 -29.64
C TYR A 379 11.63 -9.13 -28.26
N TRP A 380 11.46 -10.03 -27.30
CA TRP A 380 11.16 -9.69 -25.93
C TRP A 380 12.10 -10.49 -25.03
N ALA A 381 12.31 -10.03 -23.80
CA ALA A 381 13.24 -10.72 -22.90
C ALA A 381 12.86 -10.50 -21.44
N ILE A 382 13.34 -11.38 -20.55
CA ILE A 382 13.02 -11.29 -19.14
C ILE A 382 14.16 -10.64 -18.40
N ARG A 383 13.84 -9.71 -17.50
CA ARG A 383 14.84 -9.01 -16.72
C ARG A 383 15.37 -9.87 -15.57
N THR A 384 16.67 -10.28 -15.67
CA THR A 384 17.35 -11.16 -14.70
C THR A 384 18.37 -10.41 -13.83
N THR A 405 20.63 -24.72 -18.62
CA THR A 405 21.50 -25.78 -18.13
C THR A 405 22.97 -25.53 -18.56
N PHE A 406 23.16 -25.14 -19.81
CA PHE A 406 24.47 -24.80 -20.34
C PHE A 406 24.31 -23.63 -21.28
N SER A 407 25.22 -22.67 -21.18
CA SER A 407 25.14 -21.48 -21.99
C SER A 407 26.40 -21.28 -22.81
N VAL A 408 26.23 -20.64 -23.96
CA VAL A 408 27.38 -20.27 -24.78
C VAL A 408 27.86 -18.97 -24.13
N GLN A 409 29.10 -18.95 -23.58
CA GLN A 409 29.66 -17.77 -22.89
C GLN A 409 29.70 -16.54 -23.80
N ARG A 410 28.71 -15.66 -23.65
CA ARG A 410 28.64 -14.45 -24.46
C ARG A 410 28.90 -13.23 -23.57
N ASN A 411 30.07 -12.59 -23.72
CA ASN A 411 30.45 -11.44 -22.89
C ASN A 411 30.50 -10.08 -23.62
N LEU A 412 30.21 -9.02 -22.86
CA LEU A 412 30.23 -7.65 -23.30
C LEU A 412 31.26 -6.92 -22.47
N PRO A 413 32.30 -6.36 -23.11
CA PRO A 413 33.31 -5.64 -22.35
C PRO A 413 32.77 -4.44 -21.58
N PHE A 414 33.37 -4.15 -20.42
CA PHE A 414 32.99 -3.00 -19.62
C PHE A 414 33.37 -1.73 -20.41
N ASP A 415 32.53 -0.69 -20.32
CA ASP A 415 32.74 0.59 -20.97
C ASP A 415 34.00 1.27 -20.38
N ARG A 416 34.78 1.95 -21.24
CA ARG A 416 36.02 2.64 -20.89
C ARG A 416 35.84 3.61 -19.72
N THR A 417 34.80 4.46 -19.79
CA THR A 417 34.52 5.45 -18.76
C THR A 417 34.16 4.78 -17.42
N THR A 418 33.50 3.61 -17.44
CA THR A 418 33.11 2.95 -16.19
C THR A 418 34.36 2.29 -15.54
N ILE A 419 35.33 1.79 -16.34
CA ILE A 419 36.58 1.23 -15.80
C ILE A 419 37.47 2.32 -15.14
N MET A 420 37.53 3.48 -15.79
CA MET A 420 38.29 4.60 -15.27
C MET A 420 37.65 5.13 -13.98
N ALA A 421 36.32 5.23 -13.95
CA ALA A 421 35.63 5.72 -12.78
C ALA A 421 35.75 4.75 -11.59
N ALA A 422 35.62 3.45 -11.88
CA ALA A 422 35.66 2.41 -10.87
C ALA A 422 37.01 2.30 -10.20
N PHE A 423 38.09 2.39 -10.98
CA PHE A 423 39.43 2.23 -10.43
C PHE A 423 40.15 3.57 -10.17
N ASN A 424 39.38 4.62 -9.87
CA ASN A 424 39.91 5.94 -9.62
C ASN A 424 40.62 6.08 -8.23
N GLY A 425 39.85 6.16 -7.13
CA GLY A 425 40.34 6.35 -5.78
C GLY A 425 41.57 5.54 -5.35
N ASN A 426 42.47 6.18 -4.57
CA ASN A 426 43.70 5.53 -4.12
C ASN A 426 43.48 4.52 -2.98
N THR A 427 44.15 3.35 -3.11
CA THR A 427 44.12 2.24 -2.13
C THR A 427 44.74 2.67 -0.78
N GLU A 428 45.79 3.52 -0.84
CA GLU A 428 46.50 4.02 0.34
C GLU A 428 45.80 5.23 1.01
N GLY A 429 44.85 5.85 0.31
CA GLY A 429 44.09 7.02 0.76
C GLY A 429 43.45 6.87 2.12
N ARG A 430 42.51 5.94 2.23
CA ARG A 430 41.83 5.57 3.47
C ARG A 430 41.81 4.03 3.43
N THR A 431 42.39 3.37 4.43
CA THR A 431 42.47 1.92 4.44
C THR A 431 41.39 1.28 5.32
N SER A 432 41.13 -0.02 5.09
CA SER A 432 40.13 -0.83 5.79
C SER A 432 40.22 -2.29 5.32
N ASP A 433 39.64 -3.22 6.10
CA ASP A 433 39.63 -4.63 5.71
C ASP A 433 38.51 -4.88 4.69
N MET A 434 37.35 -4.22 4.88
CA MET A 434 36.22 -4.32 3.95
C MET A 434 36.58 -3.67 2.61
N ARG A 435 37.35 -2.57 2.65
CA ARG A 435 37.79 -1.89 1.45
C ARG A 435 38.66 -2.82 0.59
N THR A 436 39.62 -3.53 1.23
CA THR A 436 40.51 -4.46 0.53
C THR A 436 39.80 -5.61 -0.11
N GLU A 437 38.85 -6.23 0.60
CA GLU A 437 38.09 -7.36 0.07
C GLU A 437 37.26 -6.94 -1.15
N ILE A 438 36.69 -5.71 -1.13
CA ILE A 438 35.91 -5.16 -2.25
C ILE A 438 36.84 -4.88 -3.42
N ILE A 439 38.07 -4.38 -3.15
CA ILE A 439 39.07 -4.14 -4.18
C ILE A 439 39.42 -5.44 -4.87
N ARG A 440 39.71 -6.48 -4.09
CA ARG A 440 40.03 -7.81 -4.60
C ARG A 440 38.91 -8.37 -5.46
N MET A 441 37.67 -8.20 -5.00
CA MET A 441 36.49 -8.64 -5.72
C MET A 441 36.33 -7.90 -7.04
N MET A 442 36.65 -6.61 -7.06
CA MET A 442 36.58 -5.80 -8.27
C MET A 442 37.68 -6.20 -9.25
N GLU A 443 38.89 -6.46 -8.73
CA GLU A 443 40.05 -6.84 -9.54
C GLU A 443 39.93 -8.22 -10.18
N SER A 444 39.10 -9.10 -9.61
CA SER A 444 38.89 -10.42 -10.19
C SER A 444 37.65 -10.46 -11.12
N ALA A 445 36.71 -9.51 -10.94
CA ALA A 445 35.50 -9.41 -11.75
C ALA A 445 35.76 -8.74 -13.09
N ARG A 446 36.68 -7.75 -13.09
CA ARG A 446 37.11 -6.95 -14.24
C ARG A 446 37.53 -7.81 -15.48
N PRO A 447 38.48 -8.78 -15.37
CA PRO A 447 38.84 -9.57 -16.55
C PRO A 447 37.70 -10.43 -17.09
N GLU A 448 36.77 -10.85 -16.19
CA GLU A 448 35.61 -11.66 -16.53
C GLU A 448 34.59 -10.90 -17.41
N ASP A 449 34.60 -9.55 -17.36
CA ASP A 449 33.76 -8.64 -18.15
C ASP A 449 32.26 -8.81 -17.82
N VAL A 450 31.33 -8.29 -18.64
CA VAL A 450 29.90 -8.41 -18.34
C VAL A 450 29.26 -9.58 -19.07
N SER A 451 28.83 -10.60 -18.31
CA SER A 451 28.19 -11.77 -18.91
C SER A 451 26.70 -11.51 -19.13
N PHE A 452 26.20 -11.80 -20.35
CA PHE A 452 24.77 -11.65 -20.62
C PHE A 452 24.03 -12.74 -19.84
N GLN A 453 22.93 -12.40 -19.16
CA GLN A 453 22.18 -13.37 -18.37
C GLN A 453 20.86 -13.75 -19.01
N GLY A 454 20.47 -15.01 -18.88
CA GLY A 454 19.21 -15.50 -19.42
C GLY A 454 19.36 -16.46 -20.58
N ARG A 455 18.27 -17.21 -20.87
CA ARG A 455 18.22 -18.19 -21.96
C ARG A 455 18.41 -17.57 -23.37
N GLY A 456 18.08 -16.28 -23.49
CA GLY A 456 18.17 -15.53 -24.74
C GLY A 456 16.95 -14.65 -24.93
N VAL A 457 16.73 -14.20 -26.16
CA VAL A 457 15.55 -13.39 -26.47
C VAL A 457 14.45 -14.28 -27.06
N PHE A 458 13.22 -13.79 -27.10
CA PHE A 458 12.09 -14.59 -27.58
C PHE A 458 11.27 -13.86 -28.59
N GLU A 459 10.66 -14.59 -29.50
CA GLU A 459 9.75 -14.03 -30.49
C GLU A 459 8.47 -13.63 -29.74
N LEU A 460 7.79 -12.56 -30.17
CA LEU A 460 6.55 -12.15 -29.50
C LEU A 460 5.41 -13.17 -29.63
N SER A 461 5.43 -13.97 -30.71
CA SER A 461 4.46 -15.05 -30.93
C SER A 461 4.69 -16.18 -29.90
N ASP A 462 5.94 -16.37 -29.47
CA ASP A 462 6.32 -17.34 -28.48
C ASP A 462 6.01 -16.73 -27.12
N GLU A 463 4.74 -16.76 -26.70
CA GLU A 463 4.34 -16.17 -25.43
C GLU A 463 4.75 -17.02 -24.22
N LYS A 464 4.95 -18.32 -24.42
CA LYS A 464 5.35 -19.23 -23.35
C LYS A 464 6.86 -19.16 -23.04
N ALA A 465 7.66 -18.58 -23.95
CA ALA A 465 9.13 -18.48 -23.88
C ALA A 465 9.73 -19.87 -23.84
N ALA A 466 9.54 -20.62 -24.92
CA ALA A 466 10.05 -21.99 -25.03
C ALA A 466 11.16 -22.11 -26.06
N SER A 467 11.20 -21.20 -27.07
CA SER A 467 12.20 -21.21 -28.14
C SER A 467 13.12 -19.97 -28.09
N PRO A 468 14.21 -20.01 -27.30
CA PRO A 468 15.11 -18.85 -27.21
C PRO A 468 16.00 -18.65 -28.43
N ILE A 469 16.28 -17.40 -28.75
CA ILE A 469 17.13 -17.05 -29.88
C ILE A 469 18.53 -16.69 -29.38
N VAL A 470 19.56 -17.08 -30.17
CA VAL A 470 20.95 -16.80 -29.85
C VAL A 470 21.21 -15.32 -30.02
N PRO A 471 21.62 -14.60 -28.97
CA PRO A 471 21.87 -13.17 -29.13
C PRO A 471 23.20 -12.83 -29.81
N SER A 472 23.16 -11.96 -30.82
CA SER A 472 24.35 -11.54 -31.56
C SER A 472 24.62 -10.06 -31.27
N PHE A 473 25.73 -9.76 -30.61
CA PHE A 473 26.05 -8.38 -30.25
C PHE A 473 27.12 -7.72 -31.12
N ASP A 474 26.98 -6.40 -31.34
CA ASP A 474 27.91 -5.59 -32.12
C ASP A 474 28.83 -4.82 -31.18
N MET A 475 30.13 -5.17 -31.17
CA MET A 475 31.08 -4.51 -30.29
C MET A 475 31.65 -3.19 -30.87
N SER A 476 31.31 -2.85 -32.14
CA SER A 476 31.71 -1.58 -32.77
C SER A 476 30.97 -0.40 -32.09
N ASN A 477 29.69 -0.63 -31.74
CA ASN A 477 28.82 0.29 -31.03
C ASN A 477 29.20 0.35 -29.54
N GLU A 478 29.07 1.52 -28.91
CA GLU A 478 29.38 1.66 -27.49
C GLU A 478 28.29 1.03 -26.61
N GLY A 479 28.61 0.76 -25.35
CA GLY A 479 27.69 0.10 -24.46
C GLY A 479 26.76 0.99 -23.68
N SER A 480 27.22 2.19 -23.36
CA SER A 480 26.45 3.12 -22.54
C SER A 480 25.64 4.12 -23.32
N TYR A 481 24.43 4.37 -22.81
CA TYR A 481 23.51 5.37 -23.34
C TYR A 481 24.03 6.81 -23.07
N PHE A 482 24.83 6.98 -22.00
CA PHE A 482 25.38 8.26 -21.56
C PHE A 482 26.78 8.59 -22.15
N PHE A 483 27.25 7.80 -23.11
CA PHE A 483 28.55 8.02 -23.73
C PHE A 483 28.43 9.18 -24.71
N GLY A 484 29.22 10.23 -24.48
CA GLY A 484 29.21 11.44 -25.29
C GLY A 484 27.92 12.22 -25.19
N ASP A 485 27.32 12.20 -24.01
CA ASP A 485 26.04 12.81 -23.65
C ASP A 485 25.95 14.33 -23.81
N ASN A 486 24.99 14.81 -24.61
CA ASN A 486 24.76 16.24 -24.79
C ASN A 486 23.34 16.67 -24.33
N ALA A 487 22.65 15.86 -23.53
CA ALA A 487 21.30 16.15 -23.05
C ALA A 487 21.23 17.33 -22.11
N GLU A 488 20.08 18.02 -22.05
CA GLU A 488 19.87 19.13 -21.12
C GLU A 488 19.93 18.63 -19.68
N GLU A 489 20.35 19.48 -18.76
CA GLU A 489 20.43 19.13 -17.35
C GLU A 489 19.03 19.19 -16.71
N TYR A 490 18.68 18.22 -15.85
CA TYR A 490 17.38 18.24 -15.20
C TYR A 490 17.30 19.41 -14.22
N ASP A 491 16.24 20.23 -14.35
CA ASP A 491 15.98 21.37 -13.46
C ASP A 491 14.47 21.54 -13.24
N ASN A 492 13.69 21.34 -14.33
CA ASN A 492 12.22 21.41 -14.36
C ASN A 492 11.67 20.39 -15.38
N GLN B 14 12.96 -15.00 7.75
CA GLN B 14 13.53 -14.00 6.84
C GLN B 14 12.45 -13.17 6.11
N ASN B 15 11.60 -13.81 5.27
CA ASN B 15 10.50 -13.11 4.57
C ASN B 15 9.48 -12.57 5.59
N ALA B 16 9.22 -13.35 6.66
CA ALA B 16 8.32 -13.01 7.76
C ALA B 16 8.86 -11.88 8.65
N THR B 17 10.18 -11.69 8.67
CA THR B 17 10.86 -10.64 9.45
C THR B 17 10.56 -9.25 8.84
N GLU B 18 10.44 -9.19 7.51
CA GLU B 18 10.13 -7.98 6.77
C GLU B 18 8.71 -7.52 7.08
N ILE B 19 7.78 -8.47 7.13
CA ILE B 19 6.38 -8.14 7.40
C ILE B 19 6.19 -7.75 8.88
N ARG B 20 7.00 -8.31 9.80
CA ARG B 20 6.94 -7.91 11.22
C ARG B 20 7.35 -6.44 11.37
N ALA B 21 8.26 -5.95 10.55
CA ALA B 21 8.71 -4.56 10.59
C ALA B 21 7.67 -3.59 10.01
N SER B 22 7.00 -3.97 8.91
CA SER B 22 5.98 -3.08 8.31
C SER B 22 4.74 -2.95 9.22
N VAL B 23 4.36 -4.04 9.93
CA VAL B 23 3.27 -4.05 10.90
C VAL B 23 3.67 -3.23 12.13
N GLY B 24 4.88 -3.45 12.63
CA GLY B 24 5.40 -2.70 13.76
C GLY B 24 5.51 -1.21 13.46
N LYS B 25 5.75 -0.86 12.18
CA LYS B 25 5.84 0.55 11.75
C LYS B 25 4.45 1.20 11.84
N MET B 26 3.43 0.46 11.39
CA MET B 26 2.04 0.86 11.48
C MET B 26 1.59 1.04 12.98
N ILE B 27 1.98 0.10 13.86
CA ILE B 27 1.63 0.17 15.28
C ILE B 27 2.29 1.39 15.94
N GLY B 28 3.55 1.64 15.60
CA GLY B 28 4.33 2.77 16.07
C GLY B 28 3.71 4.09 15.65
N GLY B 29 3.23 4.14 14.42
CA GLY B 29 2.56 5.32 13.86
C GLY B 29 1.31 5.70 14.64
N ILE B 30 0.44 4.68 14.94
CA ILE B 30 -0.79 4.85 15.73
C ILE B 30 -0.43 5.40 17.10
N GLY B 31 0.56 4.78 17.73
CA GLY B 31 1.01 5.21 19.05
C GLY B 31 1.51 6.64 19.09
N ARG B 32 2.37 6.99 18.12
CA ARG B 32 2.90 8.34 17.96
C ARG B 32 1.79 9.38 17.77
N PHE B 33 0.75 9.03 17.01
CA PHE B 33 -0.37 9.92 16.79
C PHE B 33 -1.16 10.15 18.06
N TYR B 34 -1.38 9.07 18.81
CA TYR B 34 -2.16 9.13 20.02
C TYR B 34 -1.46 10.01 21.05
N ILE B 35 -0.13 9.88 21.22
CA ILE B 35 0.61 10.76 22.15
C ILE B 35 0.46 12.23 21.75
N GLN B 36 0.55 12.51 20.43
CA GLN B 36 0.38 13.87 19.94
C GLN B 36 -1.02 14.40 20.24
N MET B 37 -2.08 13.61 19.98
CA MET B 37 -3.44 14.03 20.32
C MET B 37 -3.66 14.29 21.79
N CYS B 38 -3.13 13.41 22.67
CA CYS B 38 -3.26 13.64 24.12
C CYS B 38 -2.58 14.93 24.55
N THR B 39 -1.45 15.27 23.89
CA THR B 39 -0.69 16.48 24.13
C THR B 39 -1.45 17.71 23.64
N GLU B 40 -1.96 17.67 22.41
CA GLU B 40 -2.75 18.76 21.83
C GLU B 40 -3.98 19.04 22.69
N LEU B 41 -4.65 17.97 23.14
CA LEU B 41 -5.84 18.05 23.98
C LEU B 41 -5.53 18.23 25.46
N LYS B 42 -4.28 18.12 25.87
CA LYS B 42 -3.85 18.30 27.24
C LYS B 42 -4.55 17.34 28.18
N LEU B 43 -4.45 16.06 27.88
CA LEU B 43 -5.04 15.06 28.74
C LEU B 43 -4.02 14.60 29.79
N SER B 44 -4.50 14.30 31.00
CA SER B 44 -3.62 13.77 32.03
C SER B 44 -3.23 12.34 31.63
N ASP B 45 -2.36 11.68 32.42
CA ASP B 45 -2.00 10.28 32.11
C ASP B 45 -3.28 9.41 32.15
N TYR B 46 -4.11 9.58 33.20
CA TYR B 46 -5.38 8.85 33.36
C TYR B 46 -6.32 9.10 32.16
N GLU B 47 -6.61 10.39 31.84
CA GLU B 47 -7.51 10.76 30.74
C GLU B 47 -7.01 10.20 29.40
N GLY B 48 -5.69 10.17 29.20
CA GLY B 48 -5.12 9.60 27.98
C GLY B 48 -5.43 8.12 27.91
N ARG B 49 -5.36 7.42 29.06
CA ARG B 49 -5.64 6.00 29.13
C ARG B 49 -7.15 5.65 29.25
N LEU B 50 -8.04 6.66 29.31
CA LEU B 50 -9.47 6.40 29.34
C LEU B 50 -9.83 5.91 27.93
N ILE B 51 -10.42 4.71 27.84
CA ILE B 51 -10.75 4.10 26.57
C ILE B 51 -11.81 4.88 25.80
N GLN B 52 -12.62 5.69 26.49
CA GLN B 52 -13.63 6.54 25.86
C GLN B 52 -12.92 7.66 25.10
N ASN B 53 -11.89 8.29 25.74
CA ASN B 53 -11.10 9.33 25.07
C ASN B 53 -10.38 8.73 23.87
N SER B 54 -9.80 7.52 24.05
CA SER B 54 -9.12 6.79 23.00
C SER B 54 -10.03 6.56 21.81
N LEU B 55 -11.31 6.26 22.06
CA LEU B 55 -12.31 6.05 20.99
C LEU B 55 -12.63 7.33 20.24
N THR B 56 -12.87 8.47 20.96
CA THR B 56 -13.15 9.78 20.35
C THR B 56 -12.01 10.20 19.39
N ILE B 57 -10.74 10.02 19.85
CA ILE B 57 -9.55 10.38 19.09
C ILE B 57 -9.41 9.49 17.84
N GLU B 58 -9.76 8.18 17.96
CA GLU B 58 -9.66 7.21 16.87
C GLU B 58 -10.68 7.50 15.79
N ARG B 59 -11.92 7.82 16.19
CA ARG B 59 -12.95 8.16 15.22
C ARG B 59 -12.61 9.49 14.55
N MET B 60 -11.99 10.44 15.27
CA MET B 60 -11.60 11.73 14.68
C MET B 60 -10.64 11.56 13.51
N VAL B 61 -9.59 10.73 13.65
CA VAL B 61 -8.65 10.50 12.56
C VAL B 61 -9.29 9.68 11.44
N LEU B 62 -10.25 8.80 11.75
CA LEU B 62 -10.95 8.03 10.71
C LEU B 62 -11.88 8.94 9.91
N SER B 63 -12.59 9.83 10.60
CA SER B 63 -13.47 10.81 10.00
C SER B 63 -12.64 11.79 9.15
N ALA B 64 -11.47 12.23 9.66
CA ALA B 64 -10.61 13.13 8.89
C ALA B 64 -10.20 12.57 7.53
N PHE B 65 -9.97 11.25 7.45
CA PHE B 65 -9.56 10.65 6.19
C PHE B 65 -10.69 10.02 5.38
N ASP B 66 -11.86 9.85 5.99
CA ASP B 66 -12.99 9.20 5.35
C ASP B 66 -13.54 10.02 4.21
N GLU B 67 -13.60 11.35 4.34
CA GLU B 67 -14.17 12.23 3.31
C GLU B 67 -15.64 11.89 3.03
N ARG B 68 -16.37 11.53 4.10
CA ARG B 68 -17.78 11.12 4.06
C ARG B 68 -18.06 10.00 3.05
N ARG B 69 -17.07 9.11 2.84
CA ARG B 69 -17.21 7.98 1.90
C ARG B 69 -17.73 6.70 2.55
N ASN B 70 -17.70 6.61 3.88
CA ASN B 70 -18.06 5.45 4.68
C ASN B 70 -17.08 4.29 4.44
N LYS B 71 -15.78 4.62 4.26
CA LYS B 71 -14.68 3.69 4.02
C LYS B 71 -14.10 3.20 5.34
N TYR B 72 -13.89 4.12 6.28
CA TYR B 72 -13.33 3.80 7.60
C TYR B 72 -14.31 4.05 8.74
N LEU B 73 -15.35 4.85 8.51
CA LEU B 73 -16.27 5.25 9.53
C LEU B 73 -17.70 5.41 8.99
N GLU B 74 -18.68 5.56 9.90
CA GLU B 74 -20.07 5.83 9.60
C GLU B 74 -20.45 6.90 10.63
N GLU B 75 -20.83 8.10 10.18
CA GLU B 75 -21.14 9.18 11.12
C GLU B 75 -22.61 9.59 11.09
N HIS B 76 -23.12 10.14 12.22
CA HIS B 76 -24.50 10.64 12.30
C HIS B 76 -24.64 11.89 11.40
N PRO B 77 -25.80 12.12 10.74
CA PRO B 77 -25.91 13.30 9.83
C PRO B 77 -25.64 14.66 10.48
N SER B 78 -25.60 14.73 11.84
CA SER B 78 -25.26 15.94 12.58
C SER B 78 -23.76 16.32 12.39
N ALA B 79 -22.90 15.35 11.98
CA ALA B 79 -21.49 15.56 11.68
C ALA B 79 -21.32 16.18 10.27
N GLY B 80 -22.18 15.77 9.34
CA GLY B 80 -22.21 16.27 7.97
C GLY B 80 -22.74 17.70 7.83
N LYS B 81 -23.21 18.30 8.95
CA LYS B 81 -23.69 19.68 9.02
C LYS B 81 -22.50 20.61 8.81
N ASP B 82 -21.37 20.32 9.47
CA ASP B 82 -20.14 21.08 9.28
C ASP B 82 -19.05 20.14 8.77
N PRO B 83 -18.96 19.94 7.44
CA PRO B 83 -17.89 19.08 6.91
C PRO B 83 -16.52 19.72 7.05
N LYS B 84 -15.44 18.97 6.76
CA LYS B 84 -14.08 19.46 6.95
C LYS B 84 -13.75 19.75 8.44
N LYS B 85 -14.69 19.49 9.37
CA LYS B 85 -14.53 19.67 10.82
C LYS B 85 -15.13 18.44 11.55
N THR B 86 -14.29 17.77 12.35
CA THR B 86 -14.71 16.57 13.07
C THR B 86 -14.48 16.72 14.57
N GLY B 87 -15.17 15.91 15.36
CA GLY B 87 -15.04 15.95 16.81
C GLY B 87 -15.66 14.77 17.52
N GLY B 88 -15.92 14.96 18.79
CA GLY B 88 -16.49 13.90 19.62
C GLY B 88 -16.42 14.21 21.09
N PRO B 89 -16.91 13.29 21.92
CA PRO B 89 -16.90 13.54 23.38
C PRO B 89 -15.54 13.29 24.07
N ILE B 90 -15.05 14.29 24.78
CA ILE B 90 -13.81 14.18 25.53
C ILE B 90 -14.14 14.28 27.02
N TYR B 91 -13.56 13.38 27.82
CA TYR B 91 -13.87 13.29 29.23
C TYR B 91 -12.68 13.62 30.07
N ARG B 92 -12.86 14.50 31.04
CA ARG B 92 -11.77 14.91 31.91
C ARG B 92 -12.22 14.87 33.37
N ARG B 93 -11.30 14.58 34.28
CA ARG B 93 -11.63 14.56 35.71
C ARG B 93 -11.31 15.91 36.35
N VAL B 94 -12.33 16.54 36.94
CA VAL B 94 -12.21 17.85 37.58
C VAL B 94 -12.78 17.74 38.98
N ASN B 95 -11.93 17.87 39.99
CA ASN B 95 -12.33 17.82 41.40
C ASN B 95 -13.15 16.55 41.73
N GLY B 96 -12.65 15.39 41.28
CA GLY B 96 -13.28 14.10 41.55
C GLY B 96 -14.35 13.64 40.57
N LYS B 97 -14.99 14.59 39.88
CA LYS B 97 -16.08 14.26 38.97
C LYS B 97 -15.67 14.28 37.51
N TRP B 98 -16.34 13.48 36.68
CA TRP B 98 -16.03 13.44 35.27
C TRP B 98 -16.88 14.42 34.50
N MET B 99 -16.25 15.12 33.56
CA MET B 99 -16.89 16.12 32.72
C MET B 99 -16.88 15.67 31.26
N ARG B 100 -17.82 16.15 30.46
CA ARG B 100 -17.88 15.80 29.05
C ARG B 100 -17.92 17.06 28.19
N GLU B 101 -17.01 17.17 27.23
CA GLU B 101 -16.98 18.31 26.33
C GLU B 101 -17.00 17.84 24.88
N LEU B 102 -17.48 18.71 23.99
CA LEU B 102 -17.57 18.36 22.58
C LEU B 102 -16.55 19.09 21.74
N ILE B 103 -15.42 18.43 21.53
CA ILE B 103 -14.29 18.92 20.76
C ILE B 103 -14.67 19.08 19.28
N LEU B 104 -14.09 20.07 18.62
CA LEU B 104 -14.33 20.30 17.21
C LEU B 104 -13.06 20.78 16.55
N TYR B 105 -12.30 19.85 16.00
CA TYR B 105 -11.04 20.13 15.34
C TYR B 105 -11.21 20.20 13.84
N ASP B 106 -10.28 20.88 13.16
CA ASP B 106 -10.29 20.94 11.71
C ASP B 106 -9.79 19.60 11.22
N LYS B 107 -10.51 18.97 10.26
CA LYS B 107 -10.10 17.67 9.75
C LYS B 107 -8.71 17.73 9.11
N GLU B 108 -8.35 18.86 8.50
CA GLU B 108 -7.04 19.02 7.87
C GLU B 108 -5.95 19.03 8.92
N GLU B 109 -6.18 19.71 10.04
CA GLU B 109 -5.23 19.72 11.15
C GLU B 109 -5.02 18.29 11.70
N ILE B 110 -6.12 17.49 11.78
CA ILE B 110 -6.09 16.09 12.22
C ILE B 110 -5.32 15.20 11.21
N ARG B 111 -5.53 15.40 9.91
CA ARG B 111 -4.80 14.65 8.89
C ARG B 111 -3.29 14.97 8.93
N ARG B 112 -2.93 16.21 9.30
CA ARG B 112 -1.55 16.66 9.39
C ARG B 112 -0.86 16.01 10.58
N ILE B 113 -1.56 15.92 11.72
CA ILE B 113 -1.03 15.26 12.91
C ILE B 113 -0.84 13.77 12.59
N TRP B 114 -1.74 13.14 11.77
CA TRP B 114 -1.63 11.74 11.39
C TRP B 114 -0.39 11.51 10.53
N ARG B 115 -0.26 12.21 9.40
CA ARG B 115 0.92 12.06 8.53
C ARG B 115 2.23 12.38 9.24
N GLN B 116 2.25 13.39 10.10
CA GLN B 116 3.46 13.74 10.86
C GLN B 116 3.88 12.58 11.80
N ALA B 117 2.90 11.90 12.39
CA ALA B 117 3.13 10.76 13.28
C ALA B 117 3.58 9.50 12.54
N ASN B 118 3.32 9.41 11.25
CA ASN B 118 3.72 8.28 10.45
C ASN B 118 4.85 8.63 9.47
N ASN B 119 5.69 9.64 9.81
CA ASN B 119 6.84 10.08 9.03
C ASN B 119 6.48 10.39 7.56
N GLY B 120 5.47 11.22 7.35
CA GLY B 120 5.01 11.63 6.02
C GLY B 120 4.16 10.62 5.27
N ASP B 121 4.04 9.39 5.79
CA ASP B 121 3.25 8.36 5.12
C ASP B 121 1.77 8.56 5.36
N ASP B 122 0.95 8.19 4.35
CA ASP B 122 -0.52 8.19 4.45
C ASP B 122 -0.97 7.14 5.47
N ALA B 123 -0.22 6.01 5.53
CA ALA B 123 -0.36 4.92 6.49
C ALA B 123 -1.80 4.53 6.74
N THR B 124 -2.53 4.30 5.65
CA THR B 124 -3.92 3.93 5.73
C THR B 124 -4.09 2.58 6.44
N ALA B 125 -3.06 1.70 6.41
CA ALA B 125 -3.17 0.42 7.13
C ALA B 125 -3.39 0.64 8.66
N GLY B 126 -2.90 1.75 9.19
CA GLY B 126 -3.09 2.15 10.58
C GLY B 126 -4.50 2.67 10.83
N LEU B 127 -5.15 3.22 9.79
CA LEU B 127 -6.53 3.70 9.85
C LEU B 127 -7.43 2.48 9.88
N THR B 128 -7.18 1.49 8.98
CA THR B 128 -7.95 0.26 8.93
C THR B 128 -7.73 -0.57 10.20
N HIS B 129 -6.54 -0.59 10.81
CA HIS B 129 -6.32 -1.28 12.09
C HIS B 129 -7.24 -0.70 13.17
N MET B 130 -7.42 0.62 13.16
CA MET B 130 -8.32 1.28 14.11
C MET B 130 -9.79 0.98 13.81
N MET B 131 -10.14 0.77 12.54
CA MET B 131 -11.47 0.45 12.07
C MET B 131 -11.84 -0.97 12.49
N ILE B 132 -10.88 -1.90 12.40
CA ILE B 132 -11.06 -3.27 12.85
C ILE B 132 -11.19 -3.31 14.38
N TRP B 133 -10.38 -2.57 15.13
CA TRP B 133 -10.55 -2.47 16.60
C TRP B 133 -12.02 -2.01 16.94
N HIS B 134 -12.53 -1.01 16.21
CA HIS B 134 -13.89 -0.53 16.43
C HIS B 134 -14.92 -1.56 16.07
N SER B 135 -14.68 -2.37 15.03
CA SER B 135 -15.60 -3.41 14.63
C SER B 135 -15.60 -4.51 15.70
N ASN B 136 -14.41 -4.95 16.14
CA ASN B 136 -14.23 -5.97 17.15
C ASN B 136 -14.92 -5.56 18.45
N LEU B 137 -14.83 -4.29 18.82
CA LEU B 137 -15.49 -3.80 20.05
C LEU B 137 -17.01 -3.90 19.89
N ASN B 138 -17.52 -3.51 18.73
CA ASN B 138 -18.95 -3.58 18.45
C ASN B 138 -19.48 -5.02 18.49
N ASP B 139 -18.71 -5.96 17.90
CA ASP B 139 -19.00 -7.38 17.89
C ASP B 139 -19.10 -7.92 19.33
N ALA B 140 -18.25 -7.48 20.25
CA ALA B 140 -18.35 -7.92 21.65
C ALA B 140 -19.44 -7.19 22.44
N THR B 141 -19.99 -6.08 21.93
CA THR B 141 -20.99 -5.27 22.63
C THR B 141 -22.45 -5.41 22.21
N TYR B 142 -22.75 -5.39 20.90
CA TYR B 142 -24.12 -5.33 20.43
C TYR B 142 -24.62 -6.56 19.66
N GLN B 143 -25.96 -6.80 19.81
CA GLN B 143 -26.70 -7.86 19.15
C GLN B 143 -27.01 -7.46 17.73
N ARG B 144 -27.19 -8.45 16.86
CA ARG B 144 -27.62 -8.20 15.49
C ARG B 144 -28.85 -9.05 15.10
N THR B 145 -29.56 -9.60 16.09
CA THR B 145 -30.71 -10.48 15.95
C THR B 145 -31.87 -9.77 15.27
N ARG B 146 -32.28 -8.60 15.77
CA ARG B 146 -33.34 -7.81 15.14
C ARG B 146 -32.95 -7.38 13.72
N ALA B 147 -31.65 -7.19 13.43
CA ALA B 147 -31.21 -6.85 12.08
C ALA B 147 -31.27 -8.09 11.17
N LEU B 148 -30.95 -9.28 11.71
CA LEU B 148 -31.01 -10.55 11.00
C LEU B 148 -32.47 -10.88 10.63
N VAL B 149 -33.41 -10.76 11.60
CA VAL B 149 -34.81 -11.05 11.31
C VAL B 149 -35.38 -10.04 10.29
N ARG B 150 -34.98 -8.75 10.37
CA ARG B 150 -35.42 -7.74 9.41
C ARG B 150 -35.03 -8.08 7.97
N THR B 151 -33.96 -8.89 7.77
CA THR B 151 -33.50 -9.30 6.45
C THR B 151 -33.96 -10.73 6.03
N GLY B 152 -34.81 -11.36 6.83
CA GLY B 152 -35.29 -12.71 6.54
C GLY B 152 -34.31 -13.80 6.90
N MET B 153 -33.37 -13.50 7.79
CA MET B 153 -32.36 -14.47 8.20
C MET B 153 -32.68 -15.11 9.54
N ASP B 154 -32.14 -16.30 9.75
CA ASP B 154 -32.28 -17.06 10.98
C ASP B 154 -31.67 -16.26 12.14
N PRO B 155 -32.34 -16.21 13.30
CA PRO B 155 -31.75 -15.51 14.45
C PRO B 155 -30.51 -16.24 15.01
N ARG B 156 -30.36 -17.55 14.70
CA ARG B 156 -29.21 -18.35 15.13
C ARG B 156 -27.92 -18.05 14.37
N MET B 157 -27.97 -17.22 13.30
CA MET B 157 -26.79 -16.81 12.53
C MET B 157 -25.86 -15.86 13.33
N CYS B 158 -26.23 -15.50 14.57
CA CYS B 158 -25.49 -14.61 15.46
C CYS B 158 -24.00 -14.95 15.58
N SER B 159 -23.67 -16.25 15.62
CA SER B 159 -22.29 -16.72 15.72
C SER B 159 -21.45 -16.53 14.45
N LEU B 160 -22.06 -16.05 13.36
CA LEU B 160 -21.37 -15.85 12.08
C LEU B 160 -21.36 -14.36 11.67
N MET B 161 -21.58 -13.43 12.63
CA MET B 161 -21.68 -12.02 12.32
C MET B 161 -20.42 -11.23 12.56
N GLN B 162 -19.25 -11.87 12.36
CA GLN B 162 -17.95 -11.18 12.47
C GLN B 162 -17.92 -9.99 11.49
N GLY B 163 -17.56 -8.81 11.96
CA GLY B 163 -17.48 -7.60 11.14
C GLY B 163 -18.78 -7.02 10.63
N SER B 164 -19.90 -7.34 11.26
CA SER B 164 -21.22 -6.85 10.82
C SER B 164 -21.42 -5.34 10.96
N THR B 165 -20.61 -4.66 11.79
CA THR B 165 -20.76 -3.22 11.97
C THR B 165 -19.78 -2.38 11.15
N LEU B 166 -18.95 -3.03 10.29
CA LEU B 166 -17.97 -2.35 9.44
C LEU B 166 -18.67 -1.33 8.56
N PRO B 167 -18.04 -0.17 8.31
CA PRO B 167 -18.69 0.84 7.45
C PRO B 167 -19.01 0.28 6.06
N ARG B 168 -20.19 0.65 5.53
CA ARG B 168 -20.74 0.22 4.22
C ARG B 168 -19.73 0.13 3.08
N ARG B 169 -18.91 1.18 2.87
CA ARG B 169 -17.93 1.21 1.78
C ARG B 169 -16.53 0.76 2.21
N SER B 170 -16.48 -0.24 3.09
CA SER B 170 -15.23 -0.86 3.52
C SER B 170 -14.97 -1.98 2.52
N GLY B 171 -13.70 -2.20 2.21
CA GLY B 171 -13.31 -3.25 1.29
C GLY B 171 -11.89 -3.72 1.54
N ALA B 172 -11.60 -4.97 1.12
CA ALA B 172 -10.32 -5.68 1.21
C ALA B 172 -9.75 -5.85 2.64
N ALA B 173 -9.60 -4.77 3.41
CA ALA B 173 -9.11 -4.82 4.78
C ALA B 173 -10.22 -5.38 5.69
N GLY B 174 -11.44 -4.92 5.47
CA GLY B 174 -12.59 -5.39 6.22
C GLY B 174 -13.12 -6.72 5.71
N ALA B 175 -12.93 -6.99 4.42
CA ALA B 175 -13.39 -8.25 3.82
C ALA B 175 -12.79 -9.47 4.48
N ALA B 176 -11.59 -9.36 5.06
CA ALA B 176 -10.93 -10.49 5.70
C ALA B 176 -11.55 -10.87 7.05
N VAL B 177 -11.90 -9.86 7.86
CA VAL B 177 -12.48 -10.09 9.18
C VAL B 177 -14.01 -10.28 9.16
N LYS B 178 -14.65 -10.19 7.98
CA LYS B 178 -16.10 -10.39 7.89
C LYS B 178 -16.45 -11.87 7.93
N GLY B 179 -17.58 -12.18 8.55
CA GLY B 179 -18.08 -13.53 8.68
C GLY B 179 -19.04 -13.91 7.58
N VAL B 180 -19.38 -15.19 7.52
CA VAL B 180 -20.31 -15.73 6.54
C VAL B 180 -21.69 -15.07 6.69
N GLY B 181 -22.14 -14.89 7.92
CA GLY B 181 -23.43 -14.27 8.19
C GLY B 181 -23.49 -12.85 7.70
N THR B 182 -22.39 -12.11 7.87
CA THR B 182 -22.25 -10.70 7.47
C THR B 182 -22.28 -10.59 5.96
N MET B 183 -21.54 -11.47 5.29
CA MET B 183 -21.48 -11.49 3.82
C MET B 183 -22.86 -11.79 3.25
N VAL B 184 -23.52 -12.78 3.84
CA VAL B 184 -24.85 -13.21 3.42
C VAL B 184 -25.87 -12.12 3.67
N MET B 185 -25.80 -11.44 4.82
CA MET B 185 -26.72 -10.36 5.14
C MET B 185 -26.63 -9.22 4.15
N GLU B 186 -25.38 -8.90 3.71
CA GLU B 186 -25.09 -7.84 2.76
C GLU B 186 -25.56 -8.19 1.38
N LEU B 187 -25.27 -9.42 0.94
CA LEU B 187 -25.68 -9.92 -0.37
C LEU B 187 -27.21 -9.98 -0.43
N VAL B 188 -27.84 -10.51 0.63
CA VAL B 188 -29.29 -10.60 0.73
C VAL B 188 -29.94 -9.21 0.79
N ARG B 189 -29.34 -8.23 1.50
CA ARG B 189 -29.89 -6.87 1.53
C ARG B 189 -29.90 -6.28 0.11
N MET B 190 -28.86 -6.59 -0.69
CA MET B 190 -28.67 -6.16 -2.08
C MET B 190 -29.70 -6.85 -3.01
N ILE B 191 -29.95 -8.15 -2.80
CA ILE B 191 -30.95 -8.87 -3.59
C ILE B 191 -32.36 -8.36 -3.27
N LYS B 192 -32.62 -8.03 -2.00
CA LYS B 192 -33.91 -7.49 -1.56
C LYS B 192 -34.17 -6.13 -2.22
N ARG B 193 -33.13 -5.29 -2.31
CA ARG B 193 -33.24 -3.98 -2.97
C ARG B 193 -33.59 -4.15 -4.45
N GLY B 194 -32.94 -5.13 -5.09
CA GLY B 194 -33.13 -5.47 -6.51
C GLY B 194 -34.47 -6.07 -6.87
N ILE B 195 -35.17 -6.64 -5.89
CA ILE B 195 -36.49 -7.23 -6.14
C ILE B 195 -37.56 -6.12 -6.17
N ASN B 196 -37.43 -5.11 -5.29
CA ASN B 196 -38.31 -3.95 -5.20
C ASN B 196 -38.10 -2.99 -6.38
N ASP B 197 -36.85 -2.56 -6.61
CA ASP B 197 -36.56 -1.64 -7.70
C ASP B 197 -36.20 -2.39 -8.97
N ARG B 198 -37.00 -2.22 -10.03
CA ARG B 198 -36.74 -2.92 -11.29
C ARG B 198 -35.49 -2.40 -12.01
N ASN B 199 -35.13 -1.12 -11.81
CA ASN B 199 -33.95 -0.55 -12.46
C ASN B 199 -32.65 -0.75 -11.67
N PHE B 200 -32.68 -1.54 -10.59
CA PHE B 200 -31.52 -1.80 -9.73
C PHE B 200 -30.32 -2.41 -10.48
N TRP B 201 -30.58 -3.41 -11.32
CA TRP B 201 -29.52 -4.06 -12.09
C TRP B 201 -29.31 -3.45 -13.48
N ARG B 202 -30.00 -2.34 -13.79
CA ARG B 202 -29.94 -1.65 -15.07
C ARG B 202 -29.16 -0.33 -14.98
N GLY B 203 -28.68 0.13 -16.13
CA GLY B 203 -27.98 1.40 -16.24
C GLY B 203 -26.63 1.43 -15.57
N GLU B 204 -26.15 2.63 -15.28
CA GLU B 204 -24.85 2.77 -14.63
C GLU B 204 -24.90 2.27 -13.21
N ASN B 205 -26.01 2.54 -12.50
CA ASN B 205 -26.17 2.06 -11.12
C ASN B 205 -26.18 0.54 -11.05
N GLY B 206 -26.70 -0.11 -12.10
CA GLY B 206 -26.73 -1.57 -12.18
C GLY B 206 -25.36 -2.18 -12.36
N ARG B 207 -24.49 -1.53 -13.16
CA ARG B 207 -23.11 -1.96 -13.44
C ARG B 207 -22.20 -1.85 -12.22
N LYS B 208 -22.31 -0.74 -11.46
CA LYS B 208 -21.50 -0.53 -10.25
C LYS B 208 -21.97 -1.51 -9.15
N THR B 209 -23.29 -1.71 -9.05
CA THR B 209 -23.87 -2.65 -8.10
C THR B 209 -23.45 -4.09 -8.44
N ARG B 210 -23.43 -4.42 -9.74
CA ARG B 210 -23.04 -5.73 -10.23
C ARG B 210 -21.57 -6.02 -9.92
N ILE B 211 -20.72 -5.00 -10.00
CA ILE B 211 -19.28 -5.09 -9.70
C ILE B 211 -19.09 -5.44 -8.22
N ALA B 212 -19.87 -4.80 -7.34
CA ALA B 212 -19.78 -5.02 -5.90
C ALA B 212 -20.43 -6.35 -5.48
N TYR B 213 -21.42 -6.82 -6.24
CA TYR B 213 -22.11 -8.09 -5.96
C TYR B 213 -21.19 -9.27 -6.31
N GLU B 214 -20.52 -9.24 -7.46
CA GLU B 214 -19.59 -10.30 -7.83
C GLU B 214 -18.35 -10.26 -6.92
N ARG B 215 -17.95 -9.07 -6.46
CA ARG B 215 -16.84 -8.86 -5.53
C ARG B 215 -17.18 -9.55 -4.21
N MET B 216 -18.38 -9.28 -3.66
CA MET B 216 -18.85 -9.87 -2.41
C MET B 216 -19.02 -11.38 -2.53
N CYS B 217 -19.52 -11.84 -3.68
CA CYS B 217 -19.73 -13.26 -3.91
C CYS B 217 -18.43 -14.05 -3.86
N ASN B 218 -17.34 -13.49 -4.42
CA ASN B 218 -16.03 -14.13 -4.44
C ASN B 218 -15.29 -14.03 -3.10
N ILE B 219 -15.59 -13.00 -2.30
CA ILE B 219 -15.03 -12.86 -0.97
C ILE B 219 -15.68 -13.93 -0.08
N LEU B 220 -17.02 -14.11 -0.19
CA LEU B 220 -17.75 -15.10 0.57
C LEU B 220 -17.32 -16.48 0.13
N LYS B 221 -17.20 -16.70 -1.19
CA LYS B 221 -16.76 -17.98 -1.75
C LYS B 221 -15.38 -18.40 -1.19
N GLY B 222 -14.49 -17.43 -1.02
CA GLY B 222 -13.14 -17.65 -0.49
C GLY B 222 -13.12 -18.12 0.96
N LYS B 223 -14.13 -17.73 1.74
CA LYS B 223 -14.25 -18.16 3.14
C LYS B 223 -14.84 -19.59 3.27
N PHE B 224 -15.33 -20.18 2.16
CA PHE B 224 -15.89 -21.54 2.19
C PHE B 224 -14.78 -22.55 2.00
N GLN B 225 -14.77 -23.61 2.82
CA GLN B 225 -13.69 -24.59 2.84
C GLN B 225 -13.91 -25.80 1.96
N THR B 226 -15.17 -26.15 1.73
CA THR B 226 -15.51 -27.34 0.95
C THR B 226 -15.74 -27.03 -0.52
N ALA B 227 -15.39 -27.98 -1.39
CA ALA B 227 -15.53 -27.87 -2.84
C ALA B 227 -16.95 -27.55 -3.30
N ALA B 228 -17.96 -28.15 -2.63
CA ALA B 228 -19.37 -27.97 -2.94
C ALA B 228 -19.96 -26.61 -2.51
N GLN B 229 -19.53 -26.08 -1.35
CA GLN B 229 -20.01 -24.77 -0.85
C GLN B 229 -19.52 -23.66 -1.78
N LYS B 230 -18.27 -23.79 -2.27
CA LYS B 230 -17.65 -22.84 -3.18
C LYS B 230 -18.36 -22.87 -4.54
N ALA B 231 -18.65 -24.08 -5.05
CA ALA B 231 -19.32 -24.27 -6.34
C ALA B 231 -20.74 -23.68 -6.32
N MET B 232 -21.43 -23.75 -5.18
CA MET B 232 -22.76 -23.17 -5.03
C MET B 232 -22.67 -21.63 -5.15
N MET B 233 -21.59 -21.01 -4.60
CA MET B 233 -21.39 -19.57 -4.69
C MET B 233 -21.18 -19.08 -6.13
N ASP B 234 -20.58 -19.91 -7.00
CA ASP B 234 -20.41 -19.61 -8.43
C ASP B 234 -21.78 -19.43 -9.11
N GLN B 235 -22.78 -20.22 -8.68
CA GLN B 235 -24.13 -20.09 -9.23
C GLN B 235 -24.76 -18.78 -8.77
N VAL B 236 -24.61 -18.43 -7.49
CA VAL B 236 -25.18 -17.20 -6.96
C VAL B 236 -24.56 -15.98 -7.66
N ARG B 237 -23.23 -15.99 -7.83
CA ARG B 237 -22.47 -14.93 -8.48
C ARG B 237 -22.80 -14.78 -9.97
N GLU B 238 -23.07 -15.90 -10.67
CA GLU B 238 -23.36 -15.82 -12.11
C GLU B 238 -24.82 -15.60 -12.47
N SER B 239 -25.72 -15.50 -11.47
CA SER B 239 -27.13 -15.23 -11.72
C SER B 239 -27.29 -13.75 -12.10
N ARG B 240 -27.75 -13.48 -13.33
CA ARG B 240 -27.89 -12.13 -13.84
C ARG B 240 -28.92 -11.27 -13.09
N ASN B 241 -30.07 -11.86 -12.73
CA ASN B 241 -31.09 -11.12 -11.99
C ASN B 241 -31.39 -11.82 -10.67
N PRO B 242 -30.63 -11.51 -9.60
CA PRO B 242 -30.87 -12.18 -8.33
C PRO B 242 -32.26 -11.94 -7.77
N GLY B 243 -32.88 -13.04 -7.34
CA GLY B 243 -34.20 -13.02 -6.75
C GLY B 243 -34.29 -13.94 -5.55
N ASN B 244 -35.51 -14.39 -5.21
CA ASN B 244 -35.72 -15.27 -4.07
C ASN B 244 -34.95 -16.59 -4.18
N ALA B 245 -34.64 -17.03 -5.40
CA ALA B 245 -33.88 -18.26 -5.65
C ALA B 245 -32.47 -18.11 -5.09
N GLU B 246 -31.85 -16.94 -5.27
CA GLU B 246 -30.50 -16.70 -4.76
C GLU B 246 -30.50 -16.50 -3.26
N PHE B 247 -31.58 -15.89 -2.70
CA PHE B 247 -31.75 -15.69 -1.27
C PHE B 247 -31.75 -17.03 -0.56
N GLU B 248 -32.44 -18.04 -1.12
CA GLU B 248 -32.53 -19.39 -0.57
C GLU B 248 -31.16 -20.06 -0.54
N ASP B 249 -30.35 -19.88 -1.59
CA ASP B 249 -29.03 -20.49 -1.66
C ASP B 249 -28.12 -19.85 -0.62
N LEU B 250 -28.11 -18.49 -0.55
CA LEU B 250 -27.31 -17.75 0.43
C LEU B 250 -27.72 -18.13 1.87
N THR B 251 -29.03 -18.26 2.14
CA THR B 251 -29.48 -18.67 3.48
C THR B 251 -29.20 -20.14 3.75
N PHE B 252 -29.19 -20.99 2.71
CA PHE B 252 -28.83 -22.40 2.87
C PHE B 252 -27.37 -22.49 3.24
N LEU B 253 -26.51 -21.73 2.53
CA LEU B 253 -25.07 -21.67 2.77
C LEU B 253 -24.77 -21.09 4.14
N ALA B 254 -25.56 -20.12 4.60
CA ALA B 254 -25.41 -19.55 5.92
C ALA B 254 -25.68 -20.65 6.98
N ARG B 255 -26.76 -21.44 6.80
CA ARG B 255 -27.09 -22.54 7.69
C ARG B 255 -25.99 -23.61 7.65
N SER B 256 -25.42 -23.87 6.48
CA SER B 256 -24.36 -24.86 6.31
C SER B 256 -23.07 -24.43 7.00
N ALA B 257 -22.78 -23.13 7.03
CA ALA B 257 -21.57 -22.61 7.68
C ALA B 257 -21.57 -22.76 9.22
N LEU B 258 -22.73 -23.07 9.81
CA LEU B 258 -22.88 -23.32 11.24
C LEU B 258 -22.31 -24.69 11.66
N ILE B 259 -22.12 -25.61 10.69
CA ILE B 259 -21.54 -26.93 10.91
C ILE B 259 -20.23 -27.02 10.12
N LEU B 260 -20.29 -26.80 8.80
CA LEU B 260 -19.10 -26.83 7.95
C LEU B 260 -18.45 -25.45 8.04
N ARG B 261 -17.85 -25.18 9.21
CA ARG B 261 -17.20 -23.93 9.60
C ARG B 261 -16.32 -23.31 8.49
N GLY B 262 -16.48 -22.01 8.30
CA GLY B 262 -15.73 -21.27 7.29
C GLY B 262 -14.46 -20.64 7.84
N SER B 263 -13.56 -20.25 6.94
CA SER B 263 -12.28 -19.64 7.21
C SER B 263 -12.43 -18.11 7.37
N VAL B 264 -12.50 -17.60 8.61
CA VAL B 264 -12.67 -16.16 8.83
C VAL B 264 -11.52 -15.63 9.70
N ALA B 265 -10.85 -14.54 9.25
CA ALA B 265 -9.75 -13.96 10.01
C ALA B 265 -10.25 -13.16 11.20
N HIS B 266 -9.56 -13.30 12.33
CA HIS B 266 -9.85 -12.57 13.55
C HIS B 266 -8.57 -11.87 13.87
N LYS B 267 -8.52 -10.53 13.73
CA LYS B 267 -7.28 -9.79 13.98
C LYS B 267 -7.35 -9.08 15.34
N SER B 268 -6.40 -9.36 16.24
CA SER B 268 -6.35 -8.68 17.55
C SER B 268 -5.82 -7.25 17.40
N CYS B 269 -6.72 -6.28 17.43
CA CYS B 269 -6.38 -4.89 17.26
C CYS B 269 -6.74 -4.13 18.53
N LEU B 270 -5.72 -3.58 19.19
CA LEU B 270 -5.81 -2.87 20.48
C LEU B 270 -6.11 -1.37 20.33
N PRO B 271 -6.69 -0.71 21.36
CA PRO B 271 -6.97 0.73 21.22
C PRO B 271 -5.69 1.50 21.13
N ALA B 272 -5.77 2.71 20.53
CA ALA B 272 -4.64 3.61 20.41
C ALA B 272 -4.04 3.96 21.79
N CYS B 273 -4.85 3.94 22.86
CA CYS B 273 -4.34 4.25 24.22
C CYS B 273 -3.53 3.11 24.84
N VAL B 274 -3.27 2.04 24.05
CA VAL B 274 -2.42 0.93 24.45
C VAL B 274 -1.08 1.10 23.68
N TYR B 275 -1.17 1.36 22.35
CA TYR B 275 -0.03 1.59 21.49
C TYR B 275 0.74 2.87 21.88
N GLY B 276 -0.03 3.90 22.25
CA GLY B 276 0.50 5.19 22.70
C GLY B 276 1.49 5.07 23.83
N PRO B 277 1.06 4.71 25.04
CA PRO B 277 2.02 4.62 26.17
C PRO B 277 3.26 3.74 25.93
N ALA B 278 3.17 2.73 25.04
CA ALA B 278 4.27 1.84 24.70
C ALA B 278 5.27 2.59 23.83
N VAL B 279 4.79 3.42 22.88
CA VAL B 279 5.66 4.24 22.06
C VAL B 279 6.27 5.28 22.98
N ALA B 280 5.46 5.95 23.81
CA ALA B 280 5.95 6.94 24.76
C ALA B 280 7.07 6.42 25.66
N SER B 281 7.03 5.15 26.01
CA SER B 281 8.08 4.56 26.85
C SER B 281 9.32 4.05 26.06
N GLY B 282 9.35 4.31 24.77
CA GLY B 282 10.49 3.98 23.93
C GLY B 282 10.50 2.61 23.28
N TYR B 283 9.31 2.03 23.03
CA TYR B 283 9.29 0.74 22.36
C TYR B 283 9.39 1.02 20.87
N ASP B 284 10.42 0.50 20.21
CA ASP B 284 10.59 0.71 18.78
C ASP B 284 9.86 -0.43 18.15
N PHE B 285 8.60 -0.19 17.70
CA PHE B 285 7.80 -1.25 17.13
C PHE B 285 8.34 -1.74 15.77
N GLU B 286 8.98 -0.86 14.97
CA GLU B 286 9.53 -1.29 13.67
C GLU B 286 10.79 -2.14 13.85
N ARG B 287 11.69 -1.73 14.78
CA ARG B 287 12.93 -2.47 15.02
C ARG B 287 12.63 -3.82 15.69
N GLU B 288 11.77 -3.81 16.71
CA GLU B 288 11.41 -5.04 17.41
C GLU B 288 10.52 -5.95 16.60
N GLY B 289 9.65 -5.37 15.78
CA GLY B 289 8.70 -6.15 15.00
C GLY B 289 7.40 -6.37 15.75
N TYR B 290 6.34 -6.72 15.03
CA TYR B 290 5.03 -6.95 15.62
C TYR B 290 4.21 -7.90 14.78
N SER B 291 3.54 -8.85 15.43
CA SER B 291 2.65 -9.76 14.75
C SER B 291 1.31 -9.78 15.48
N LEU B 292 0.22 -9.77 14.72
CA LEU B 292 -1.11 -9.82 15.31
C LEU B 292 -1.38 -11.22 15.88
N VAL B 293 -0.75 -12.28 15.32
CA VAL B 293 -0.90 -13.64 15.82
C VAL B 293 0.23 -14.01 16.80
N GLY B 294 -0.11 -14.60 17.93
CA GLY B 294 0.89 -15.01 18.92
C GLY B 294 1.02 -14.15 20.16
N ILE B 295 2.23 -14.10 20.73
CA ILE B 295 2.50 -13.42 21.98
C ILE B 295 2.49 -11.89 21.93
N ASP B 296 2.76 -11.23 20.79
CA ASP B 296 2.87 -9.77 20.77
C ASP B 296 1.70 -9.01 21.39
N PRO B 297 0.41 -9.26 21.00
CA PRO B 297 -0.68 -8.48 21.61
C PRO B 297 -0.91 -8.81 23.07
N PHE B 298 -0.64 -10.07 23.48
CA PHE B 298 -0.81 -10.49 24.87
C PHE B 298 0.22 -9.85 25.75
N ARG B 299 1.49 -9.83 25.32
CA ARG B 299 2.58 -9.24 26.08
C ARG B 299 2.37 -7.74 26.22
N LEU B 300 1.92 -7.09 25.15
CA LEU B 300 1.61 -5.67 25.20
C LEU B 300 0.47 -5.41 26.21
N LEU B 301 -0.63 -6.21 26.19
CA LEU B 301 -1.70 -6.04 27.17
C LEU B 301 -1.26 -6.31 28.62
N GLN B 302 -0.23 -7.17 28.82
CA GLN B 302 0.31 -7.41 30.16
C GLN B 302 1.07 -6.15 30.66
N ASN B 303 1.68 -5.40 29.73
CA ASN B 303 2.45 -4.20 30.05
C ASN B 303 1.65 -2.90 29.90
N SER B 304 0.32 -2.97 29.91
CA SER B 304 -0.52 -1.79 29.69
C SER B 304 -1.49 -1.48 30.80
N GLN B 305 -1.98 -0.25 30.84
CA GLN B 305 -2.97 0.16 31.82
C GLN B 305 -4.04 0.96 31.12
N VAL B 306 -5.28 0.47 31.17
CA VAL B 306 -6.39 1.15 30.51
C VAL B 306 -7.51 1.34 31.53
N TYR B 307 -8.19 2.48 31.44
CA TYR B 307 -9.30 2.84 32.31
C TYR B 307 -10.57 2.99 31.48
N SER B 308 -11.72 2.94 32.13
CA SER B 308 -12.99 3.07 31.45
C SER B 308 -13.98 3.76 32.33
N LEU B 309 -14.87 4.57 31.75
CA LEU B 309 -15.97 5.17 32.50
C LEU B 309 -16.96 4.05 32.75
N ILE B 310 -17.52 4.02 33.95
CA ILE B 310 -18.46 3.00 34.33
C ILE B 310 -19.70 3.64 34.96
N ARG B 311 -20.89 3.17 34.53
CA ARG B 311 -22.20 3.64 34.98
C ARG B 311 -22.54 2.97 36.33
N PRO B 312 -23.48 3.52 37.13
CA PRO B 312 -23.82 2.84 38.39
C PRO B 312 -24.45 1.47 38.13
N ASN B 313 -24.25 0.55 39.07
CA ASN B 313 -24.78 -0.83 38.94
C ASN B 313 -24.18 -1.62 37.74
N GLU B 314 -23.02 -1.21 37.25
CA GLU B 314 -22.30 -1.96 36.22
C GLU B 314 -21.11 -2.64 36.92
N ASN B 315 -20.86 -3.93 36.63
CA ASN B 315 -19.78 -4.66 37.26
C ASN B 315 -18.45 -4.42 36.50
N PRO B 316 -17.44 -3.88 37.22
CA PRO B 316 -16.14 -3.56 36.56
C PRO B 316 -15.45 -4.75 35.90
N ALA B 317 -15.51 -5.93 36.52
CA ALA B 317 -14.93 -7.13 35.92
C ALA B 317 -15.66 -7.54 34.63
N HIS B 318 -16.93 -7.13 34.46
CA HIS B 318 -17.71 -7.45 33.29
C HIS B 318 -17.37 -6.54 32.18
N LYS B 319 -17.27 -5.22 32.44
CA LYS B 319 -16.77 -4.25 31.45
C LYS B 319 -15.35 -4.64 31.02
N SER B 320 -14.52 -5.11 31.99
CA SER B 320 -13.16 -5.59 31.71
C SER B 320 -13.21 -6.76 30.70
N GLN B 321 -14.11 -7.75 30.88
CA GLN B 321 -14.26 -8.91 29.97
C GLN B 321 -14.66 -8.49 28.57
N LEU B 322 -15.57 -7.52 28.49
CA LEU B 322 -16.04 -6.98 27.22
C LEU B 322 -14.85 -6.41 26.42
N VAL B 323 -14.04 -5.55 27.06
CA VAL B 323 -12.90 -4.96 26.38
C VAL B 323 -11.83 -6.01 26.06
N TRP B 324 -11.53 -6.93 27.00
CA TRP B 324 -10.56 -8.02 26.75
C TRP B 324 -10.95 -8.85 25.52
N MET B 325 -12.26 -9.13 25.33
CA MET B 325 -12.78 -9.86 24.17
C MET B 325 -12.64 -9.09 22.88
N ALA B 326 -12.97 -7.81 22.91
CA ALA B 326 -12.84 -6.92 21.77
C ALA B 326 -11.34 -6.84 21.33
N CYS B 327 -10.40 -6.63 22.30
CA CYS B 327 -8.96 -6.56 22.04
C CYS B 327 -8.46 -7.83 21.39
N HIS B 328 -8.96 -8.97 21.87
CA HIS B 328 -8.50 -10.24 21.36
C HIS B 328 -9.32 -10.79 20.22
N SER B 329 -10.26 -9.99 19.64
CA SER B 329 -11.20 -10.37 18.59
C SER B 329 -11.83 -11.76 18.90
N ALA B 330 -12.32 -11.92 20.14
CA ALA B 330 -12.74 -13.19 20.73
C ALA B 330 -14.25 -13.42 20.94
N ALA B 331 -15.13 -12.54 20.48
CA ALA B 331 -16.57 -12.72 20.67
C ALA B 331 -17.12 -13.99 20.03
N PHE B 332 -16.48 -14.47 18.96
CA PHE B 332 -16.98 -15.67 18.27
C PHE B 332 -16.16 -16.93 18.56
N GLU B 333 -15.43 -16.95 19.68
CA GLU B 333 -14.62 -18.08 20.07
C GLU B 333 -15.37 -18.92 21.10
N ASP B 334 -14.85 -20.13 21.39
CA ASP B 334 -15.47 -20.97 22.40
C ASP B 334 -15.12 -20.37 23.75
N LEU B 335 -16.11 -20.03 24.55
CA LEU B 335 -15.88 -19.44 25.87
C LEU B 335 -15.02 -20.32 26.77
N ARG B 336 -15.04 -21.65 26.58
CA ARG B 336 -14.21 -22.57 27.38
C ARG B 336 -12.73 -22.48 27.01
N VAL B 337 -12.43 -22.09 25.76
CA VAL B 337 -11.05 -21.88 25.34
C VAL B 337 -10.59 -20.56 25.97
N LEU B 338 -11.40 -19.49 25.82
CA LEU B 338 -11.12 -18.18 26.38
C LEU B 338 -10.91 -18.22 27.87
N SER B 339 -11.72 -18.99 28.60
CA SER B 339 -11.59 -19.09 30.06
C SER B 339 -10.29 -19.75 30.47
N PHE B 340 -9.83 -20.75 29.70
CA PHE B 340 -8.58 -21.45 30.00
C PHE B 340 -7.41 -20.48 29.77
N ILE B 341 -7.43 -19.76 28.64
CA ILE B 341 -6.42 -18.77 28.30
C ILE B 341 -6.40 -17.63 29.33
N LYS B 342 -7.56 -17.06 29.68
CA LYS B 342 -7.63 -15.91 30.59
C LYS B 342 -7.35 -16.24 32.05
N GLY B 343 -7.70 -17.44 32.48
CA GLY B 343 -7.53 -17.83 33.89
C GLY B 343 -8.69 -17.44 34.77
N THR B 344 -9.74 -16.82 34.18
CA THR B 344 -11.00 -16.44 34.83
C THR B 344 -12.12 -16.89 33.87
N LYS B 345 -13.26 -17.35 34.43
CA LYS B 345 -14.38 -17.80 33.59
C LYS B 345 -14.90 -16.65 32.73
N VAL B 346 -14.99 -16.88 31.42
CA VAL B 346 -15.47 -15.92 30.46
C VAL B 346 -16.95 -16.24 30.21
N LEU B 347 -17.79 -15.41 30.81
CA LEU B 347 -19.22 -15.51 30.78
C LEU B 347 -19.84 -15.15 29.44
N PRO B 348 -21.02 -15.71 29.12
CA PRO B 348 -21.72 -15.24 27.90
C PRO B 348 -22.25 -13.81 28.13
N ARG B 349 -22.47 -13.04 27.05
CA ARG B 349 -22.92 -11.65 27.13
C ARG B 349 -24.14 -11.44 27.99
N GLY B 350 -25.08 -12.40 27.95
CA GLY B 350 -26.30 -12.34 28.74
C GLY B 350 -26.07 -12.35 30.23
N LYS B 351 -24.90 -12.84 30.67
CA LYS B 351 -24.52 -12.88 32.08
C LYS B 351 -23.67 -11.69 32.53
N LEU B 352 -23.32 -10.76 31.62
CA LEU B 352 -22.54 -9.59 31.99
C LEU B 352 -23.43 -8.44 32.41
N SER B 353 -23.15 -7.83 33.58
CA SER B 353 -23.84 -6.68 34.14
C SER B 353 -23.16 -5.40 33.66
N THR B 354 -23.26 -5.16 32.35
CA THR B 354 -22.68 -3.99 31.75
C THR B 354 -23.31 -3.69 30.42
N ARG B 355 -23.26 -2.39 30.06
CA ARG B 355 -23.63 -1.95 28.73
C ARG B 355 -22.33 -1.52 28.00
N GLY B 356 -22.45 -0.98 26.80
CA GLY B 356 -21.30 -0.57 25.99
C GLY B 356 -20.29 0.34 26.65
N VAL B 357 -19.13 0.46 26.00
CA VAL B 357 -18.04 1.29 26.48
C VAL B 357 -18.39 2.78 26.23
N GLN B 358 -18.93 3.09 25.04
CA GLN B 358 -19.35 4.44 24.67
C GLN B 358 -20.50 4.98 25.51
N ILE B 359 -20.35 6.22 25.98
CA ILE B 359 -21.34 6.93 26.76
C ILE B 359 -22.18 7.78 25.80
N ALA B 360 -23.50 7.67 25.89
CA ALA B 360 -24.41 8.46 25.07
C ALA B 360 -24.52 9.88 25.64
N SER B 361 -24.93 10.81 24.79
CA SER B 361 -25.14 12.24 25.07
C SER B 361 -26.18 12.48 26.17
N ASN B 362 -27.17 11.60 26.25
CA ASN B 362 -28.25 11.70 27.25
C ASN B 362 -27.83 11.31 28.66
N GLU B 363 -26.74 10.53 28.79
CA GLU B 363 -26.29 10.05 30.09
C GLU B 363 -25.84 11.14 31.03
N ASN B 364 -26.03 10.91 32.32
CA ASN B 364 -25.61 11.87 33.34
C ASN B 364 -24.16 11.62 33.77
N MET B 365 -23.28 12.60 33.56
CA MET B 365 -21.89 12.52 33.97
C MET B 365 -21.72 12.63 35.50
N GLU B 366 -22.71 13.17 36.23
CA GLU B 366 -22.63 13.32 37.70
C GLU B 366 -22.61 11.97 38.39
N THR B 367 -23.30 10.95 37.81
CA THR B 367 -23.36 9.57 38.34
C THR B 367 -22.25 8.66 37.82
N MET B 368 -21.42 9.17 36.91
CA MET B 368 -20.38 8.40 36.26
C MET B 368 -19.19 8.25 37.14
N GLU B 369 -18.60 7.07 37.13
CA GLU B 369 -17.36 6.81 37.85
C GLU B 369 -16.35 6.23 36.82
N SER B 370 -15.14 5.87 37.25
CA SER B 370 -14.16 5.27 36.36
C SER B 370 -13.59 3.99 36.97
N SER B 371 -13.05 3.13 36.14
CA SER B 371 -12.55 1.85 36.59
C SER B 371 -11.28 1.47 35.87
N THR B 372 -10.42 0.69 36.52
CA THR B 372 -9.21 0.19 35.86
C THR B 372 -9.63 -1.08 35.17
N LEU B 373 -9.55 -1.14 33.85
CA LEU B 373 -9.86 -2.35 33.11
C LEU B 373 -8.82 -3.41 33.44
N GLU B 374 -9.26 -4.64 33.66
CA GLU B 374 -8.37 -5.75 33.88
C GLU B 374 -8.30 -6.48 32.52
N LEU B 375 -7.20 -6.27 31.77
CA LEU B 375 -7.02 -6.86 30.45
C LEU B 375 -5.93 -7.94 30.37
N ARG B 376 -5.43 -8.41 31.51
CA ARG B 376 -4.39 -9.43 31.53
C ARG B 376 -4.91 -10.85 31.18
N SER B 377 -3.99 -11.79 31.01
CA SER B 377 -4.32 -13.16 30.71
C SER B 377 -3.34 -14.10 31.46
N ARG B 378 -3.81 -15.31 31.77
CA ARG B 378 -3.02 -16.32 32.46
C ARG B 378 -2.01 -16.93 31.47
N TYR B 379 -2.46 -17.21 30.23
CA TYR B 379 -1.66 -17.79 29.16
C TYR B 379 -1.81 -16.99 27.85
N TRP B 380 -1.03 -17.33 26.83
CA TRP B 380 -1.14 -16.76 25.49
C TRP B 380 -1.28 -17.90 24.48
N ALA B 381 -1.89 -17.62 23.32
CA ALA B 381 -2.13 -18.64 22.33
C ALA B 381 -2.02 -18.11 20.91
N ILE B 382 -1.81 -19.01 19.95
CA ILE B 382 -1.69 -18.67 18.54
C ILE B 382 -2.96 -19.10 17.86
N ARG B 383 -3.53 -18.26 16.99
CA ARG B 383 -4.74 -18.64 16.28
C ARG B 383 -4.43 -19.26 14.91
N THR B 384 -5.03 -20.43 14.64
CA THR B 384 -4.87 -21.20 13.41
C THR B 384 -5.42 -20.47 12.20
N THR B 431 -33.25 -28.74 -2.89
CA THR B 431 -33.88 -28.44 -4.19
C THR B 431 -32.85 -28.60 -5.33
N SER B 432 -31.60 -28.20 -5.07
CA SER B 432 -30.48 -28.24 -6.02
C SER B 432 -29.72 -29.60 -6.02
N ASP B 433 -28.73 -29.75 -6.92
CA ASP B 433 -27.89 -30.94 -7.04
C ASP B 433 -26.66 -30.83 -6.13
N MET B 434 -26.08 -29.62 -6.03
CA MET B 434 -24.92 -29.36 -5.19
C MET B 434 -25.27 -29.32 -3.69
N ARG B 435 -26.55 -29.00 -3.36
CA ARG B 435 -27.05 -28.98 -1.97
C ARG B 435 -26.95 -30.35 -1.31
N THR B 436 -27.28 -31.42 -2.07
CA THR B 436 -27.25 -32.82 -1.65
C THR B 436 -25.90 -33.19 -0.99
N GLU B 437 -24.78 -32.83 -1.66
CA GLU B 437 -23.43 -33.10 -1.19
C GLU B 437 -23.13 -32.34 0.12
N ILE B 438 -23.60 -31.08 0.23
CA ILE B 438 -23.42 -30.25 1.43
C ILE B 438 -24.20 -30.80 2.64
N ILE B 439 -25.45 -31.24 2.40
CA ILE B 439 -26.28 -31.81 3.45
C ILE B 439 -25.67 -33.13 3.99
N ARG B 440 -24.98 -33.88 3.10
CA ARG B 440 -24.31 -35.14 3.42
C ARG B 440 -23.12 -34.91 4.36
N MET B 441 -22.40 -33.81 4.14
CA MET B 441 -21.24 -33.46 4.98
C MET B 441 -21.63 -32.87 6.33
N MET B 442 -22.78 -32.16 6.39
CA MET B 442 -23.27 -31.58 7.64
C MET B 442 -23.74 -32.69 8.59
N GLU B 443 -24.35 -33.76 8.05
CA GLU B 443 -24.85 -34.89 8.83
C GLU B 443 -23.76 -35.97 9.02
N SER B 444 -22.52 -35.54 9.34
CA SER B 444 -21.35 -36.38 9.60
C SER B 444 -20.20 -35.56 10.21
N VAL B 450 -11.07 -34.32 25.23
CA VAL B 450 -11.74 -33.17 24.62
C VAL B 450 -10.92 -32.57 23.45
N SER B 451 -11.59 -32.29 22.31
CA SER B 451 -10.93 -31.74 21.13
C SER B 451 -10.54 -30.24 21.26
N PHE B 452 -9.38 -29.89 20.69
CA PHE B 452 -8.81 -28.55 20.62
C PHE B 452 -7.83 -28.57 19.45
N GLN B 453 -8.04 -27.72 18.44
CA GLN B 453 -7.16 -27.71 17.28
C GLN B 453 -6.03 -26.70 17.44
N GLY B 454 -4.96 -27.10 18.11
CA GLY B 454 -3.81 -26.25 18.36
C GLY B 454 -2.66 -26.99 19.03
N ARG B 455 -1.49 -26.35 19.14
CA ARG B 455 -0.33 -26.97 19.79
C ARG B 455 -0.29 -26.79 21.32
N GLY B 456 -1.31 -26.15 21.90
CA GLY B 456 -1.39 -25.88 23.31
C GLY B 456 -1.27 -24.40 23.62
N VAL B 457 -1.52 -24.03 24.87
CA VAL B 457 -1.38 -22.65 25.31
C VAL B 457 -0.03 -22.51 26.01
N PHE B 458 0.52 -21.29 26.07
CA PHE B 458 1.83 -21.10 26.66
C PHE B 458 1.85 -20.04 27.73
N GLU B 459 2.83 -20.11 28.63
CA GLU B 459 3.01 -19.10 29.68
C GLU B 459 3.60 -17.84 29.04
N LEU B 460 3.34 -16.66 29.64
CA LEU B 460 3.86 -15.40 29.10
C LEU B 460 5.39 -15.33 29.11
N SER B 461 6.03 -15.98 30.10
CA SER B 461 7.49 -16.05 30.24
C SER B 461 8.12 -16.92 29.13
N ASP B 462 7.41 -18.00 28.73
CA ASP B 462 7.81 -18.93 27.68
C ASP B 462 7.49 -18.26 26.33
N GLU B 463 8.30 -17.26 25.96
CA GLU B 463 8.11 -16.48 24.74
C GLU B 463 8.42 -17.27 23.47
N LYS B 464 9.34 -18.21 23.56
CA LYS B 464 9.72 -19.04 22.42
C LYS B 464 8.69 -20.12 22.07
N ALA B 465 7.67 -20.33 22.92
CA ALA B 465 6.60 -21.33 22.76
C ALA B 465 7.18 -22.74 22.63
N ALA B 466 7.91 -23.18 23.65
CA ALA B 466 8.53 -24.50 23.67
C ALA B 466 7.94 -25.45 24.73
N SER B 467 7.20 -24.91 25.71
CA SER B 467 6.59 -25.70 26.76
C SER B 467 5.06 -25.51 26.73
N PRO B 468 4.35 -26.23 25.83
CA PRO B 468 2.90 -26.06 25.76
C PRO B 468 2.15 -26.75 26.89
N ILE B 469 1.02 -26.17 27.27
CA ILE B 469 0.15 -26.68 28.32
C ILE B 469 -1.12 -27.21 27.65
N VAL B 470 -1.54 -28.44 27.97
CA VAL B 470 -2.74 -29.01 27.39
C VAL B 470 -3.96 -28.42 28.08
N PRO B 471 -4.89 -27.85 27.30
CA PRO B 471 -6.07 -27.23 27.92
C PRO B 471 -7.11 -28.24 28.41
N SER B 472 -7.55 -28.08 29.66
CA SER B 472 -8.59 -28.94 30.22
C SER B 472 -9.93 -28.25 29.96
N PHE B 473 -10.91 -29.00 29.41
CA PHE B 473 -12.21 -28.38 29.12
C PHE B 473 -13.36 -28.95 29.91
N ASP B 474 -14.18 -28.07 30.48
CA ASP B 474 -15.38 -28.48 31.21
C ASP B 474 -16.55 -28.34 30.23
N MET B 475 -16.91 -29.43 29.55
CA MET B 475 -17.98 -29.43 28.56
C MET B 475 -19.35 -29.06 29.11
N SER B 476 -19.52 -29.13 30.45
CA SER B 476 -20.76 -28.71 31.10
C SER B 476 -20.94 -27.16 31.07
N ASN B 477 -19.83 -26.42 30.88
CA ASN B 477 -19.90 -24.97 30.83
C ASN B 477 -20.28 -24.45 29.44
N GLU B 478 -20.74 -23.19 29.41
CA GLU B 478 -21.16 -22.53 28.19
C GLU B 478 -20.01 -22.34 27.20
N GLY B 479 -20.32 -22.58 25.92
CA GLY B 479 -19.38 -22.41 24.83
C GLY B 479 -19.68 -21.19 23.96
N SER B 480 -20.94 -20.71 23.98
CA SER B 480 -21.31 -19.56 23.13
C SER B 480 -21.50 -18.27 23.92
N TYR B 481 -20.84 -17.18 23.45
CA TYR B 481 -20.97 -15.83 23.99
C TYR B 481 -22.44 -15.32 23.85
N PHE B 482 -23.15 -15.83 22.82
CA PHE B 482 -24.49 -15.46 22.38
C PHE B 482 -25.64 -16.19 23.01
N PHE B 483 -25.38 -17.16 23.89
CA PHE B 483 -26.42 -17.89 24.57
C PHE B 483 -27.07 -17.01 25.64
N GLY B 484 -28.36 -16.76 25.50
CA GLY B 484 -29.09 -15.92 26.44
C GLY B 484 -28.84 -14.44 26.29
N ASP B 485 -28.39 -14.03 25.10
CA ASP B 485 -28.00 -12.65 24.77
C ASP B 485 -29.10 -11.63 25.04
N ASN B 486 -28.75 -10.61 25.81
CA ASN B 486 -29.66 -9.52 26.15
C ASN B 486 -29.07 -8.13 25.79
N ALA B 487 -27.91 -8.10 25.11
CA ALA B 487 -27.20 -6.88 24.71
C ALA B 487 -28.11 -5.96 23.90
N GLU B 488 -27.80 -4.65 23.88
CA GLU B 488 -28.58 -3.72 23.06
C GLU B 488 -28.38 -4.06 21.59
N GLU B 489 -29.43 -3.95 20.77
CA GLU B 489 -29.34 -4.17 19.33
C GLU B 489 -28.43 -3.06 18.74
N TYR B 490 -27.58 -3.38 17.75
CA TYR B 490 -26.69 -2.37 17.17
C TYR B 490 -27.46 -1.17 16.60
N ASP B 491 -27.38 -0.05 17.34
CA ASP B 491 -28.06 1.23 17.13
C ASP B 491 -27.97 1.80 15.70
N ASN B 492 -26.73 1.92 15.15
CA ASN B 492 -26.40 2.45 13.81
C ASN B 492 -26.45 4.00 13.73
N HIS B 493 -25.82 4.69 14.70
CA HIS B 493 -25.82 6.15 14.73
C HIS B 493 -24.41 6.74 14.58
#